data_3MPO
#
_entry.id   3MPO
#
_cell.length_a   89.254
_cell.length_b   108.254
_cell.length_c   130.696
_cell.angle_alpha   90.00
_cell.angle_beta   90.00
_cell.angle_gamma   90.00
#
_symmetry.space_group_name_H-M   'P 21 21 21'
#
loop_
_entity.id
_entity.type
_entity.pdbx_description
1 polymer 'Predicted hydrolase of the HAD superfamily'
2 water water
#
_entity_poly.entity_id   1
_entity_poly.type   'polypeptide(L)'
_entity_poly.pdbx_seq_one_letter_code
;(MSE)SLTIKLIAIDIDGTLLNEKNELAQATIDAVQAAKAQGIKVVLCTGRPLTGVQPYLDA(MSE)DIDGDDQYAITFN
GSVAQTISGKVLTNHSLTYEDYIDLEAWARKVRAHFQIETPDYIYTANKDISAYTIAESYLVR(MSE)LIQYREVSETPR
DLTISKA(MSE)FVDYPQVIEQVKAN(MSE)PQDFKDRFSVVQSAPYFIEV(MSE)NRRASKGGTLSELVDQLGLTADDV
(MSE)TLGDQGNDLT(MSE)IKYAGLGVA(MSE)GNAIDEVKEAAQAVTLTNAENGVAAAIRKYALNEGHHHHHH
;
_entity_poly.pdbx_strand_id   A,B,C,D
#
# COMPACT_ATOMS: atom_id res chain seq x y z
N ILE A 5 45.15 -0.11 -31.44
CA ILE A 5 44.27 -0.10 -30.26
C ILE A 5 43.41 1.17 -30.10
N LYS A 6 42.10 0.98 -30.17
CA LYS A 6 41.16 2.09 -30.30
C LYS A 6 40.01 2.06 -29.29
N LEU A 7 40.07 1.12 -28.37
CA LEU A 7 39.02 0.95 -27.36
C LEU A 7 39.56 0.32 -26.07
N ILE A 8 39.42 1.05 -24.97
CA ILE A 8 39.92 0.57 -23.68
C ILE A 8 38.83 0.38 -22.63
N ALA A 9 38.72 -0.84 -22.13
CA ALA A 9 37.75 -1.19 -21.08
C ALA A 9 38.42 -1.25 -19.68
N ILE A 10 37.93 -0.45 -18.75
CA ILE A 10 38.58 -0.32 -17.45
C ILE A 10 37.66 -0.63 -16.25
N ASP A 11 37.94 -1.75 -15.58
CA ASP A 11 37.25 -2.14 -14.33
C ASP A 11 37.48 -1.11 -13.22
N ILE A 12 36.85 -1.32 -12.07
CA ILE A 12 37.05 -0.44 -10.91
C ILE A 12 36.77 -1.17 -9.59
N ALA A 24 42.20 10.38 -9.13
CA ALA A 24 43.64 10.28 -9.38
C ALA A 24 44.05 11.07 -10.62
N GLN A 25 44.54 12.28 -10.42
CA GLN A 25 44.81 13.20 -11.52
C GLN A 25 45.72 12.60 -12.58
N ALA A 26 46.71 11.81 -12.16
CA ALA A 26 47.59 11.13 -13.09
C ALA A 26 46.78 10.21 -14.02
N THR A 27 45.68 9.68 -13.49
CA THR A 27 44.81 8.77 -14.23
C THR A 27 43.81 9.52 -15.11
N ILE A 28 43.23 10.60 -14.58
CA ILE A 28 42.43 11.51 -15.40
C ILE A 28 43.19 11.93 -16.66
N ASP A 29 44.42 12.40 -16.45
CA ASP A 29 45.25 12.90 -17.53
C ASP A 29 45.51 11.84 -18.59
N ALA A 30 45.91 10.65 -18.15
CA ALA A 30 46.23 9.57 -19.06
C ALA A 30 45.01 9.18 -19.87
N VAL A 31 43.83 9.57 -19.39
CA VAL A 31 42.58 9.26 -20.07
C VAL A 31 42.25 10.35 -21.09
N GLN A 32 42.26 11.60 -20.62
CA GLN A 32 42.14 12.76 -21.50
C GLN A 32 43.04 12.54 -22.72
N ALA A 33 44.21 11.96 -22.47
CA ALA A 33 45.14 11.58 -23.52
C ALA A 33 44.49 10.63 -24.52
N ALA A 34 44.47 9.35 -24.18
CA ALA A 34 43.90 8.34 -25.07
C ALA A 34 42.59 8.80 -25.71
N LYS A 35 41.82 9.62 -25.00
CA LYS A 35 40.57 10.15 -25.54
C LYS A 35 40.84 11.14 -26.68
N ALA A 36 41.65 12.16 -26.41
CA ALA A 36 42.02 13.16 -27.39
C ALA A 36 42.57 12.50 -28.65
N GLN A 37 43.36 11.45 -28.44
CA GLN A 37 43.92 10.66 -29.53
C GLN A 37 42.82 9.87 -30.26
N GLY A 38 41.59 10.03 -29.78
CA GLY A 38 40.41 9.48 -30.45
C GLY A 38 40.11 8.05 -30.08
N ILE A 39 40.34 7.70 -28.82
CA ILE A 39 40.05 6.36 -28.34
C ILE A 39 38.73 6.34 -27.59
N LYS A 40 37.98 5.27 -27.75
CA LYS A 40 36.76 5.06 -26.96
C LYS A 40 37.13 4.45 -25.61
N VAL A 41 37.03 5.25 -24.54
CA VAL A 41 37.28 4.72 -23.21
C VAL A 41 35.99 4.23 -22.53
N VAL A 42 35.94 2.94 -22.26
CA VAL A 42 34.76 2.29 -21.73
C VAL A 42 34.92 1.86 -20.25
N LEU A 43 34.33 2.64 -19.36
CA LEU A 43 34.30 2.28 -17.95
C LEU A 43 33.48 1.03 -17.73
N CYS A 44 33.90 0.21 -16.78
CA CYS A 44 33.21 -1.04 -16.43
C CYS A 44 32.97 -1.15 -14.93
N THR A 45 31.71 -1.26 -14.53
CA THR A 45 31.38 -1.19 -13.11
C THR A 45 30.24 -2.12 -12.71
N GLY A 46 30.18 -2.41 -11.41
CA GLY A 46 29.10 -3.19 -10.85
C GLY A 46 27.88 -2.34 -10.54
N ARG A 47 28.10 -1.04 -10.34
CA ARG A 47 27.01 -0.10 -10.11
C ARG A 47 26.21 0.23 -11.38
N PRO A 48 25.13 1.01 -11.22
CA PRO A 48 24.41 1.52 -12.39
C PRO A 48 25.25 2.63 -12.99
N LEU A 49 24.80 3.22 -14.09
CA LEU A 49 25.54 4.30 -14.72
C LEU A 49 25.76 5.46 -13.75
N THR A 50 24.73 5.75 -12.95
CA THR A 50 24.78 6.87 -12.03
C THR A 50 25.89 6.69 -11.02
N GLY A 51 26.29 5.44 -10.81
CA GLY A 51 27.37 5.13 -9.89
C GLY A 51 28.70 5.65 -10.39
N VAL A 52 28.86 5.74 -11.70
CA VAL A 52 30.14 6.20 -12.26
C VAL A 52 30.07 7.57 -12.92
N GLN A 53 28.86 8.13 -13.00
CA GLN A 53 28.68 9.45 -13.61
C GLN A 53 29.72 10.48 -13.18
N PRO A 54 30.04 10.54 -11.88
CA PRO A 54 31.02 11.49 -11.37
C PRO A 54 32.40 11.42 -12.03
N TYR A 55 32.92 10.21 -12.24
CA TYR A 55 34.23 10.04 -12.86
C TYR A 55 34.17 10.38 -14.35
N LEU A 56 33.06 10.01 -14.98
CA LEU A 56 32.83 10.34 -16.37
C LEU A 56 32.83 11.86 -16.55
N ASP A 57 32.21 12.57 -15.62
CA ASP A 57 32.18 14.03 -15.69
C ASP A 57 33.60 14.58 -15.65
N ALA A 58 34.42 14.02 -14.77
CA ALA A 58 35.77 14.52 -14.52
C ALA A 58 36.75 14.11 -15.61
N ASP A 60 35.77 14.13 -18.97
CA ASP A 60 35.36 14.70 -20.25
C ASP A 60 34.38 13.78 -21.00
N ILE A 61 34.35 12.51 -20.61
CA ILE A 61 33.54 11.49 -21.30
C ILE A 61 32.02 11.72 -21.22
N ASP A 62 31.33 11.59 -22.36
CA ASP A 62 29.90 11.81 -22.41
C ASP A 62 29.31 11.58 -23.79
N GLY A 63 28.01 11.85 -23.93
CA GLY A 63 27.35 11.86 -25.22
C GLY A 63 26.84 10.51 -25.71
N ASP A 64 26.46 10.47 -26.99
CA ASP A 64 25.91 9.26 -27.57
C ASP A 64 26.97 8.32 -28.14
N ASP A 65 28.21 8.81 -28.21
CA ASP A 65 29.29 8.02 -28.81
C ASP A 65 30.30 7.50 -27.79
N GLN A 66 30.11 7.85 -26.52
CA GLN A 66 30.94 7.28 -25.48
C GLN A 66 30.13 6.21 -24.78
N TYR A 67 30.79 5.25 -24.16
CA TYR A 67 30.09 4.08 -23.65
C TYR A 67 30.50 3.63 -22.25
N ALA A 68 29.67 2.80 -21.64
CA ALA A 68 29.95 2.25 -20.32
C ALA A 68 29.16 0.97 -20.12
N ILE A 69 29.83 -0.09 -19.69
CA ILE A 69 29.13 -1.29 -19.26
C ILE A 69 28.85 -1.16 -17.76
N THR A 70 27.60 -1.33 -17.35
CA THR A 70 27.24 -1.24 -15.93
C THR A 70 26.56 -2.53 -15.48
N PHE A 71 26.32 -2.66 -14.18
CA PHE A 71 25.77 -3.89 -13.61
C PHE A 71 26.57 -5.14 -14.02
N ASN A 72 27.89 -5.03 -13.99
CA ASN A 72 28.76 -6.16 -14.31
C ASN A 72 28.46 -6.78 -15.67
N GLY A 73 28.05 -5.94 -16.62
CA GLY A 73 27.83 -6.40 -17.97
C GLY A 73 26.42 -6.89 -18.22
N SER A 74 25.52 -6.61 -17.27
CA SER A 74 24.13 -6.95 -17.45
C SER A 74 23.49 -5.88 -18.33
N VAL A 75 24.24 -4.80 -18.54
CA VAL A 75 23.81 -3.67 -19.34
C VAL A 75 25.01 -2.97 -19.96
N ALA A 76 24.88 -2.58 -21.23
CA ALA A 76 25.83 -1.66 -21.85
C ALA A 76 25.01 -0.49 -22.35
N GLN A 77 25.57 0.72 -22.29
CA GLN A 77 24.82 1.90 -22.70
C GLN A 77 25.72 3.06 -23.13
N THR A 78 25.11 4.03 -23.81
CA THR A 78 25.81 5.24 -24.19
C THR A 78 25.77 6.16 -23.00
N ILE A 79 26.82 6.93 -22.80
CA ILE A 79 26.91 7.83 -21.67
C ILE A 79 25.67 8.72 -21.55
N SER A 80 24.96 8.91 -22.67
CA SER A 80 23.78 9.76 -22.66
C SER A 80 22.56 8.98 -22.17
N GLY A 81 22.67 7.66 -22.16
CA GLY A 81 21.67 6.87 -21.47
C GLY A 81 21.07 5.70 -22.22
N LYS A 82 21.07 5.73 -23.54
CA LYS A 82 20.44 4.66 -24.30
C LYS A 82 21.06 3.31 -23.97
N VAL A 83 20.23 2.37 -23.53
CA VAL A 83 20.67 1.01 -23.32
C VAL A 83 20.98 0.40 -24.67
N LEU A 84 22.12 -0.26 -24.77
CA LEU A 84 22.60 -0.75 -26.04
C LEU A 84 22.40 -2.25 -26.11
N THR A 85 22.80 -2.93 -25.04
CA THR A 85 22.49 -4.34 -24.85
C THR A 85 22.01 -4.52 -23.41
N ASN A 86 21.40 -5.67 -23.13
CA ASN A 86 21.00 -5.97 -21.76
C ASN A 86 20.68 -7.45 -21.53
N HIS A 87 21.02 -7.91 -20.34
CA HIS A 87 20.81 -9.29 -19.91
C HIS A 87 20.17 -9.26 -18.54
N SER A 88 18.85 -9.37 -18.50
CA SER A 88 18.12 -9.12 -17.28
C SER A 88 17.50 -10.38 -16.71
N LEU A 89 16.97 -10.25 -15.50
CA LEU A 89 16.13 -11.29 -14.92
C LEU A 89 14.71 -11.05 -15.42
N THR A 90 13.98 -12.13 -15.71
CA THR A 90 12.59 -12.04 -16.15
C THR A 90 11.68 -11.60 -15.02
N TYR A 91 10.44 -11.23 -15.34
CA TYR A 91 9.49 -10.86 -14.31
C TYR A 91 9.16 -12.04 -13.40
N GLU A 92 9.06 -13.23 -13.96
CA GLU A 92 8.83 -14.42 -13.17
C GLU A 92 10.00 -14.68 -12.20
N ASP A 93 11.21 -14.34 -12.63
CA ASP A 93 12.37 -14.42 -11.76
C ASP A 93 12.19 -13.51 -10.56
N TYR A 94 11.82 -12.26 -10.81
CA TYR A 94 11.60 -11.29 -9.75
C TYR A 94 10.57 -11.82 -8.76
N ILE A 95 9.50 -12.40 -9.28
CA ILE A 95 8.45 -12.95 -8.43
C ILE A 95 9.00 -14.01 -7.48
N ASP A 96 9.77 -14.94 -8.05
CA ASP A 96 10.36 -16.02 -7.26
C ASP A 96 11.28 -15.47 -6.17
N LEU A 97 12.25 -14.67 -6.60
CA LEU A 97 13.23 -14.08 -5.71
C LEU A 97 12.55 -13.29 -4.59
N GLU A 98 11.58 -12.47 -4.97
CA GLU A 98 10.91 -11.58 -4.03
C GLU A 98 10.05 -12.37 -3.05
N ALA A 99 9.40 -13.41 -3.55
CA ALA A 99 8.60 -14.26 -2.69
C ALA A 99 9.46 -15.02 -1.68
N TRP A 100 10.72 -15.25 -2.04
CA TRP A 100 11.63 -15.92 -1.13
C TRP A 100 12.16 -14.93 -0.09
N ALA A 101 12.35 -13.69 -0.50
CA ALA A 101 12.75 -12.64 0.42
C ALA A 101 11.81 -12.56 1.63
N ARG A 102 10.51 -12.71 1.37
CA ARG A 102 9.53 -12.59 2.44
C ARG A 102 9.46 -13.86 3.28
N LYS A 103 9.67 -15.01 2.63
CA LYS A 103 9.67 -16.29 3.34
C LYS A 103 10.74 -16.27 4.39
N VAL A 104 11.92 -15.82 3.98
CA VAL A 104 13.12 -15.89 4.79
C VAL A 104 13.39 -14.59 5.58
N ARG A 105 12.50 -13.61 5.39
CA ARG A 105 12.47 -12.40 6.20
C ARG A 105 13.67 -11.47 6.03
N ALA A 106 14.08 -11.26 4.78
CA ALA A 106 15.18 -10.34 4.48
C ALA A 106 14.68 -9.24 3.56
N HIS A 107 15.23 -8.04 3.72
CA HIS A 107 14.87 -6.93 2.82
C HIS A 107 15.34 -7.23 1.41
N PHE A 108 14.66 -6.63 0.44
CA PHE A 108 14.85 -7.01 -0.96
C PHE A 108 14.64 -5.83 -1.88
N GLN A 109 15.58 -5.64 -2.79
CA GLN A 109 15.48 -4.58 -3.78
C GLN A 109 15.95 -5.09 -5.13
N ILE A 110 15.53 -4.38 -6.17
CA ILE A 110 16.02 -4.61 -7.51
C ILE A 110 16.49 -3.30 -8.10
N GLU A 111 17.56 -3.36 -8.88
CA GLU A 111 18.07 -2.20 -9.59
C GLU A 111 17.76 -2.24 -11.07
N THR A 112 17.39 -1.07 -11.57
CA THR A 112 17.02 -0.84 -12.94
C THR A 112 17.96 0.26 -13.44
N PRO A 113 18.13 0.38 -14.77
CA PRO A 113 18.94 1.50 -15.22
C PRO A 113 18.48 2.89 -14.74
N ASP A 114 17.22 3.07 -14.33
CA ASP A 114 16.77 4.38 -13.84
C ASP A 114 16.43 4.45 -12.34
N TYR A 115 16.09 3.32 -11.74
CA TYR A 115 15.55 3.35 -10.39
C TYR A 115 15.86 2.11 -9.58
N ILE A 116 15.98 2.31 -8.27
CA ILE A 116 15.97 1.21 -7.34
C ILE A 116 14.51 0.99 -6.98
N TYR A 117 14.10 -0.28 -6.94
CA TYR A 117 12.74 -0.63 -6.55
C TYR A 117 12.74 -1.55 -5.31
N THR A 118 11.90 -1.23 -4.34
CA THR A 118 11.68 -2.17 -3.26
C THR A 118 10.23 -2.16 -2.83
N ALA A 119 9.78 -3.28 -2.28
CA ALA A 119 8.43 -3.37 -1.76
C ALA A 119 8.48 -3.32 -0.24
N ASN A 120 9.66 -3.05 0.29
CA ASN A 120 9.86 -2.91 1.72
C ASN A 120 9.26 -1.61 2.25
N LYS A 121 8.20 -1.68 3.06
CA LYS A 121 7.62 -0.46 3.61
C LYS A 121 8.49 0.11 4.72
N ASP A 122 9.15 -0.78 5.45
CA ASP A 122 10.22 -0.40 6.35
C ASP A 122 11.54 -0.54 5.61
N ILE A 123 11.89 0.50 4.86
CA ILE A 123 13.06 0.48 3.99
C ILE A 123 14.38 0.26 4.74
N SER A 124 15.17 -0.69 4.25
CA SER A 124 16.45 -1.02 4.84
C SER A 124 17.43 0.14 4.88
N ALA A 125 18.10 0.32 6.01
CA ALA A 125 19.14 1.33 6.12
C ALA A 125 20.11 1.22 4.97
N TYR A 126 20.34 -0.01 4.52
CA TYR A 126 21.31 -0.29 3.47
C TYR A 126 20.83 0.16 2.09
N THR A 127 19.53 0.07 1.85
CA THR A 127 18.93 0.59 0.62
C THR A 127 19.08 2.11 0.53
N ILE A 128 18.96 2.82 1.65
CA ILE A 128 19.20 4.25 1.62
C ILE A 128 20.68 4.53 1.38
N ALA A 129 21.53 3.67 1.95
CA ALA A 129 22.96 3.80 1.75
C ALA A 129 23.26 3.71 0.27
N GLU A 130 22.87 2.58 -0.32
CA GLU A 130 23.00 2.34 -1.75
C GLU A 130 22.46 3.51 -2.58
N SER A 131 21.19 3.84 -2.39
CA SER A 131 20.56 4.93 -3.13
C SER A 131 21.42 6.19 -3.16
N TYR A 132 21.90 6.58 -1.99
CA TYR A 132 22.68 7.81 -1.84
C TYR A 132 24.08 7.72 -2.42
N LEU A 133 24.76 6.62 -2.16
CA LEU A 133 26.15 6.48 -2.58
C LEU A 133 26.26 6.30 -4.07
N VAL A 134 25.29 5.58 -4.62
CA VAL A 134 25.24 5.28 -6.05
C VAL A 134 24.44 6.34 -6.81
N ARG A 135 23.76 7.21 -6.07
CA ARG A 135 23.11 8.39 -6.66
C ARG A 135 21.87 8.06 -7.48
N LEU A 137 17.74 7.21 -7.42
CA LEU A 137 16.51 7.37 -6.65
C LEU A 137 15.86 6.04 -6.31
N ILE A 138 14.88 6.10 -5.41
CA ILE A 138 14.14 4.91 -5.02
C ILE A 138 12.65 5.06 -5.34
N GLN A 139 12.09 4.13 -6.10
CA GLN A 139 10.65 4.10 -6.29
C GLN A 139 10.13 2.95 -5.44
N TYR A 140 9.32 3.28 -4.42
CA TYR A 140 8.66 2.23 -3.64
C TYR A 140 7.42 1.72 -4.37
N ARG A 141 7.34 0.41 -4.52
CA ARG A 141 6.18 -0.20 -5.17
C ARG A 141 5.82 -1.45 -4.40
N GLU A 142 4.56 -1.58 -3.99
CA GLU A 142 4.10 -2.85 -3.48
C GLU A 142 4.29 -3.83 -4.62
N VAL A 143 4.38 -5.12 -4.32
CA VAL A 143 4.85 -6.07 -5.33
C VAL A 143 3.90 -6.17 -6.53
N SER A 144 2.60 -6.03 -6.28
CA SER A 144 1.64 -6.04 -7.36
C SER A 144 1.81 -4.89 -8.34
N GLU A 145 2.70 -3.95 -7.99
CA GLU A 145 2.77 -2.69 -8.73
C GLU A 145 4.11 -2.47 -9.44
N THR A 146 5.10 -3.27 -9.08
CA THR A 146 6.36 -3.30 -9.81
C THR A 146 6.03 -3.60 -11.26
N PRO A 147 6.34 -2.65 -12.16
CA PRO A 147 5.93 -2.67 -13.58
C PRO A 147 6.48 -3.87 -14.32
N ARG A 148 5.62 -4.54 -15.08
CA ARG A 148 6.02 -5.74 -15.80
C ARG A 148 7.02 -5.48 -16.93
N ASP A 149 7.14 -4.24 -17.36
CA ASP A 149 8.04 -3.92 -18.47
C ASP A 149 9.38 -3.34 -18.01
N LEU A 150 9.76 -3.64 -16.77
CA LEU A 150 11.02 -3.19 -16.22
C LEU A 150 12.21 -3.90 -16.86
N THR A 151 13.33 -3.20 -16.96
CA THR A 151 14.60 -3.84 -17.27
C THR A 151 15.32 -4.18 -15.96
N ILE A 152 15.06 -5.35 -15.42
CA ILE A 152 15.66 -5.75 -14.16
C ILE A 152 17.10 -6.20 -14.37
N SER A 153 18.03 -5.29 -14.11
CA SER A 153 19.44 -5.58 -14.30
C SER A 153 20.02 -6.40 -13.17
N LYS A 154 19.64 -6.06 -11.94
CA LYS A 154 20.24 -6.65 -10.75
C LYS A 154 19.24 -6.79 -9.61
N ALA A 155 19.29 -7.92 -8.93
CA ALA A 155 18.40 -8.16 -7.79
C ALA A 155 19.24 -8.43 -6.54
N PHE A 157 19.25 -9.10 -2.07
CA PHE A 157 18.83 -9.18 -0.69
C PHE A 157 19.74 -8.25 0.08
N VAL A 158 19.15 -7.24 0.72
CA VAL A 158 19.92 -6.19 1.37
C VAL A 158 19.52 -6.15 2.85
N ASP A 159 20.45 -6.50 3.74
CA ASP A 159 20.12 -6.55 5.16
C ASP A 159 21.32 -6.67 6.09
N TYR A 160 21.10 -6.44 7.39
CA TYR A 160 22.12 -6.67 8.40
C TYR A 160 22.74 -8.05 8.25
N PRO A 161 24.06 -8.14 8.40
CA PRO A 161 24.82 -9.40 8.25
C PRO A 161 24.22 -10.66 8.89
N GLN A 162 23.64 -10.59 10.09
CA GLN A 162 23.09 -11.85 10.61
C GLN A 162 21.96 -12.33 9.69
N VAL A 163 21.23 -11.40 9.10
CA VAL A 163 20.16 -11.76 8.18
C VAL A 163 20.74 -12.27 6.87
N ILE A 164 21.63 -11.50 6.26
CA ILE A 164 22.25 -11.92 5.01
C ILE A 164 22.89 -13.28 5.17
N GLU A 165 23.53 -13.50 6.31
CA GLU A 165 24.17 -14.78 6.61
C GLU A 165 23.18 -15.93 6.58
N GLN A 166 21.98 -15.66 7.10
CA GLN A 166 20.92 -16.65 7.12
C GLN A 166 20.44 -16.88 5.69
N VAL A 167 20.43 -15.81 4.90
CA VAL A 167 20.08 -15.89 3.50
C VAL A 167 21.11 -16.76 2.79
N LYS A 168 22.38 -16.45 2.99
CA LYS A 168 23.44 -17.25 2.39
C LYS A 168 23.30 -18.70 2.79
N ALA A 169 22.97 -18.93 4.06
CA ALA A 169 22.83 -20.27 4.59
C ALA A 169 21.59 -21.01 4.10
N ASN A 170 20.65 -20.28 3.51
CA ASN A 170 19.39 -20.90 3.09
C ASN A 170 19.05 -20.75 1.61
N PRO A 172 18.20 -21.37 -1.80
CA PRO A 172 17.71 -22.58 -2.46
C PRO A 172 18.68 -22.99 -3.56
N GLN A 173 18.96 -24.29 -3.68
CA GLN A 173 19.82 -24.77 -4.75
C GLN A 173 19.37 -24.21 -6.09
N ASP A 174 18.05 -24.10 -6.23
CA ASP A 174 17.41 -23.67 -7.48
C ASP A 174 17.84 -22.29 -7.95
N PHE A 175 17.98 -21.34 -7.04
CA PHE A 175 18.43 -20.00 -7.41
C PHE A 175 19.90 -20.03 -7.81
N LYS A 176 20.69 -20.80 -7.07
CA LYS A 176 22.11 -20.90 -7.36
C LYS A 176 22.32 -21.37 -8.79
N ASP A 177 21.45 -22.27 -9.25
CA ASP A 177 21.56 -22.83 -10.58
C ASP A 177 21.03 -21.85 -11.60
N ARG A 178 19.88 -21.26 -11.29
CA ARG A 178 19.17 -20.42 -12.25
C ARG A 178 19.88 -19.10 -12.52
N PHE A 179 20.52 -18.54 -11.51
CA PHE A 179 21.13 -17.22 -11.66
C PHE A 179 22.58 -17.22 -11.22
N SER A 180 23.18 -16.04 -11.29
CA SER A 180 24.46 -15.79 -10.62
C SER A 180 24.15 -15.20 -9.24
N VAL A 181 24.70 -15.81 -8.20
CA VAL A 181 24.45 -15.36 -6.85
C VAL A 181 25.76 -15.17 -6.10
N VAL A 182 26.23 -13.94 -6.00
CA VAL A 182 27.46 -13.69 -5.24
C VAL A 182 27.26 -12.67 -4.11
N GLN A 183 27.98 -12.84 -3.02
CA GLN A 183 27.89 -11.95 -1.87
C GLN A 183 28.90 -10.83 -2.04
N SER A 184 28.43 -9.69 -2.55
CA SER A 184 29.32 -8.56 -2.85
C SER A 184 29.65 -7.70 -1.63
N ALA A 185 29.00 -7.99 -0.50
CA ALA A 185 29.21 -7.26 0.74
C ALA A 185 28.66 -8.06 1.90
N PRO A 186 29.00 -7.69 3.15
CA PRO A 186 28.44 -8.39 4.31
C PRO A 186 26.95 -8.15 4.40
N TYR A 187 26.49 -7.03 3.86
CA TYR A 187 25.08 -6.64 3.90
C TYR A 187 24.32 -6.87 2.56
N PHE A 188 25.05 -7.19 1.49
CA PHE A 188 24.44 -7.41 0.17
C PHE A 188 24.61 -8.84 -0.30
N ILE A 189 23.62 -9.35 -1.03
CA ILE A 189 23.79 -10.49 -1.91
C ILE A 189 23.09 -10.18 -3.22
N GLU A 190 23.86 -10.10 -4.30
CA GLU A 190 23.34 -9.69 -5.60
C GLU A 190 22.98 -10.90 -6.45
N VAL A 191 21.91 -10.76 -7.21
CA VAL A 191 21.47 -11.79 -8.12
C VAL A 191 21.27 -11.22 -9.50
N ASN A 193 21.63 -12.30 -14.10
CA ASN A 193 21.66 -13.30 -15.16
C ASN A 193 22.82 -14.28 -15.01
N ARG A 194 22.50 -15.56 -15.18
CA ARG A 194 23.46 -16.64 -15.06
C ARG A 194 24.62 -16.47 -16.05
N ARG A 195 24.33 -15.81 -17.16
CA ARG A 195 25.31 -15.59 -18.21
C ARG A 195 25.34 -14.11 -18.56
N ALA A 196 26.16 -13.36 -17.85
CA ALA A 196 26.25 -11.92 -18.04
C ALA A 196 27.55 -11.43 -17.44
N SER A 197 28.59 -11.40 -18.25
CA SER A 197 29.88 -10.94 -17.77
C SER A 197 30.21 -9.60 -18.39
N LYS A 198 31.15 -8.88 -17.80
CA LYS A 198 31.66 -7.66 -18.42
C LYS A 198 32.43 -8.05 -19.68
N GLY A 199 33.12 -9.19 -19.63
CA GLY A 199 33.81 -9.69 -20.80
C GLY A 199 32.84 -9.98 -21.93
N GLY A 200 31.85 -10.81 -21.66
CA GLY A 200 30.87 -11.22 -22.66
C GLY A 200 30.09 -10.08 -23.29
N THR A 201 29.78 -9.07 -22.49
CA THR A 201 29.00 -7.93 -22.98
C THR A 201 29.83 -6.95 -23.80
N LEU A 202 31.08 -6.76 -23.40
CA LEU A 202 32.02 -5.94 -24.16
C LEU A 202 32.11 -6.46 -25.60
N SER A 203 32.01 -7.78 -25.74
CA SER A 203 32.00 -8.41 -27.04
C SER A 203 30.87 -7.87 -27.91
N GLU A 204 29.74 -7.59 -27.26
CA GLU A 204 28.57 -7.07 -27.96
C GLU A 204 28.73 -5.59 -28.29
N LEU A 205 29.18 -4.81 -27.31
CA LEU A 205 29.45 -3.40 -27.54
C LEU A 205 30.48 -3.21 -28.67
N VAL A 206 31.46 -4.09 -28.73
CA VAL A 206 32.48 -4.01 -29.76
C VAL A 206 31.92 -4.34 -31.15
N ASP A 207 31.20 -5.44 -31.26
CA ASP A 207 30.60 -5.82 -32.54
C ASP A 207 29.66 -4.72 -33.03
N GLN A 208 29.11 -3.95 -32.10
CA GLN A 208 28.17 -2.89 -32.44
C GLN A 208 28.87 -1.62 -32.92
N LEU A 209 30.14 -1.47 -32.57
CA LEU A 209 30.90 -0.29 -32.97
C LEU A 209 31.69 -0.57 -34.24
N GLY A 210 31.49 -1.77 -34.79
CA GLY A 210 32.19 -2.20 -35.99
C GLY A 210 33.66 -2.45 -35.73
N LEU A 211 33.98 -2.89 -34.52
CA LEU A 211 35.36 -3.19 -34.14
C LEU A 211 35.53 -4.66 -33.78
N THR A 212 36.73 -5.00 -33.32
CA THR A 212 37.06 -6.39 -33.03
C THR A 212 38.00 -6.52 -31.83
N ALA A 213 38.01 -7.70 -31.24
CA ALA A 213 38.78 -7.96 -30.02
C ALA A 213 40.22 -7.45 -30.11
N ASP A 214 40.82 -7.56 -31.29
CA ASP A 214 42.22 -7.17 -31.48
C ASP A 214 42.40 -5.66 -31.57
N ASP A 215 41.35 -4.92 -31.25
CA ASP A 215 41.44 -3.45 -31.21
C ASP A 215 41.29 -2.95 -29.78
N VAL A 216 41.02 -3.86 -28.85
CA VAL A 216 40.62 -3.49 -27.50
C VAL A 216 41.68 -3.84 -26.46
N THR A 218 41.64 -4.29 -22.18
CA THR A 218 40.86 -4.30 -20.96
C THR A 218 41.76 -4.15 -19.73
N LEU A 219 41.18 -3.70 -18.62
CA LEU A 219 41.94 -3.50 -17.37
C LEU A 219 41.13 -3.87 -16.13
N GLN A 222 40.98 -7.44 -10.68
CA GLN A 222 39.89 -8.03 -9.93
C GLN A 222 39.57 -9.48 -10.34
N GLY A 223 38.41 -9.99 -9.92
CA GLY A 223 38.10 -11.40 -10.05
C GLY A 223 37.11 -11.75 -11.13
N ASN A 224 36.05 -10.94 -11.27
CA ASN A 224 35.05 -11.18 -12.31
C ASN A 224 35.41 -10.50 -13.65
N ASP A 225 36.70 -10.45 -13.93
CA ASP A 225 37.21 -9.81 -15.14
C ASP A 225 37.82 -10.83 -16.10
N LEU A 226 37.85 -12.09 -15.70
CA LEU A 226 38.42 -13.14 -16.53
C LEU A 226 37.93 -13.06 -17.97
N THR A 227 36.62 -12.95 -18.15
CA THR A 227 36.04 -12.89 -19.48
C THR A 227 36.51 -11.64 -20.24
N ILE A 229 39.54 -10.16 -19.96
CA ILE A 229 40.92 -10.33 -20.42
C ILE A 229 41.02 -11.27 -21.62
N LYS A 230 40.32 -12.41 -21.53
CA LYS A 230 40.40 -13.42 -22.57
C LYS A 230 39.85 -12.94 -23.91
N TYR A 231 38.82 -12.10 -23.87
CA TYR A 231 38.27 -11.49 -25.08
C TYR A 231 39.28 -10.51 -25.67
N ALA A 232 39.68 -9.54 -24.87
CA ALA A 232 40.64 -8.54 -25.32
C ALA A 232 41.84 -9.21 -26.00
N GLY A 233 42.20 -8.69 -27.16
CA GLY A 233 43.42 -9.09 -27.82
C GLY A 233 44.58 -8.69 -26.94
N LEU A 234 44.48 -7.50 -26.35
CA LEU A 234 45.47 -7.03 -25.39
C LEU A 234 44.87 -6.87 -23.99
N GLY A 235 44.58 -7.98 -23.33
CA GLY A 235 44.11 -7.94 -21.96
C GLY A 235 45.27 -7.71 -21.01
N VAL A 236 45.07 -6.87 -20.01
CA VAL A 236 46.14 -6.53 -19.07
C VAL A 236 45.65 -6.55 -17.61
N ALA A 237 46.42 -7.19 -16.75
CA ALA A 237 46.06 -7.31 -15.34
C ALA A 237 46.70 -6.21 -14.49
N ILE A 242 44.10 -10.16 -8.90
CA ILE A 242 44.34 -11.47 -8.32
C ILE A 242 45.33 -12.27 -9.16
N ASP A 243 45.30 -13.60 -9.03
CA ASP A 243 46.36 -14.43 -9.60
C ASP A 243 45.91 -15.42 -10.68
N GLU A 244 44.60 -15.60 -10.85
CA GLU A 244 44.11 -16.39 -11.96
C GLU A 244 43.82 -15.47 -13.13
N VAL A 245 43.70 -14.18 -12.81
CA VAL A 245 43.46 -13.16 -13.81
C VAL A 245 44.79 -12.83 -14.49
N LYS A 246 45.86 -12.81 -13.71
CA LYS A 246 47.19 -12.57 -14.27
C LYS A 246 47.54 -13.63 -15.30
N GLU A 247 47.15 -14.87 -15.02
CA GLU A 247 47.30 -15.93 -16.00
C GLU A 247 46.86 -15.45 -17.37
N ALA A 248 45.56 -15.60 -17.63
CA ALA A 248 44.96 -15.26 -18.93
C ALA A 248 45.49 -13.96 -19.51
N ALA A 249 45.82 -13.02 -18.63
CA ALA A 249 46.30 -11.71 -19.07
C ALA A 249 47.38 -11.81 -20.14
N GLN A 250 47.55 -10.71 -20.87
CA GLN A 250 48.61 -10.61 -21.86
C GLN A 250 49.67 -9.63 -21.36
N ALA A 251 49.47 -9.11 -20.15
CA ALA A 251 50.44 -8.21 -19.53
C ALA A 251 50.01 -7.81 -18.10
N VAL A 252 50.89 -7.11 -17.39
CA VAL A 252 50.63 -6.68 -16.00
C VAL A 252 51.25 -5.33 -15.67
N THR A 253 50.67 -4.62 -14.71
CA THR A 253 51.19 -3.33 -14.26
C THR A 253 51.31 -3.27 -12.74
N GLY A 260 48.93 3.09 -12.01
CA GLY A 260 49.02 1.74 -12.57
C GLY A 260 48.13 1.63 -13.79
N VAL A 261 47.18 2.56 -13.87
CA VAL A 261 46.24 2.62 -14.99
C VAL A 261 46.88 3.45 -16.08
N ALA A 262 47.15 4.72 -15.76
CA ALA A 262 47.93 5.57 -16.64
C ALA A 262 49.12 4.76 -17.14
N ALA A 263 49.71 3.98 -16.24
CA ALA A 263 50.83 3.11 -16.55
C ALA A 263 50.56 2.24 -17.77
N ALA A 264 49.47 1.48 -17.73
CA ALA A 264 49.11 0.60 -18.83
C ALA A 264 48.75 1.40 -20.08
N ILE A 265 48.05 2.52 -19.87
CA ILE A 265 47.66 3.39 -20.98
C ILE A 265 48.87 3.77 -21.82
N ARG A 266 49.81 4.49 -21.20
CA ARG A 266 51.01 4.94 -21.88
C ARG A 266 51.99 3.77 -22.03
N THR B 4 -29.21 -44.44 19.77
CA THR B 4 -29.43 -43.25 20.59
C THR B 4 -28.52 -42.11 20.15
N ILE B 5 -29.14 -41.00 19.76
CA ILE B 5 -28.46 -39.91 19.08
C ILE B 5 -28.17 -38.72 19.98
N LYS B 6 -26.93 -38.23 19.91
CA LYS B 6 -26.51 -37.14 20.78
C LYS B 6 -25.93 -35.99 19.99
N LEU B 7 -25.64 -36.23 18.71
CA LEU B 7 -25.03 -35.23 17.85
C LEU B 7 -25.47 -35.43 16.41
N ILE B 8 -26.05 -34.39 15.83
CA ILE B 8 -26.54 -34.47 14.46
C ILE B 8 -25.78 -33.49 13.58
N ALA B 9 -24.94 -34.01 12.70
CA ALA B 9 -24.23 -33.15 11.75
C ALA B 9 -25.11 -32.91 10.53
N ILE B 10 -25.20 -31.65 10.10
CA ILE B 10 -26.08 -31.32 8.98
C ILE B 10 -25.41 -30.43 7.94
N ASP B 11 -25.40 -30.88 6.69
CA ASP B 11 -24.90 -30.09 5.58
C ASP B 11 -25.87 -28.94 5.30
N ILE B 12 -25.44 -27.96 4.51
CA ILE B 12 -26.27 -26.75 4.34
C ILE B 12 -27.06 -26.70 3.03
N ASP B 13 -26.36 -26.73 1.90
CA ASP B 13 -27.03 -26.67 0.60
C ASP B 13 -27.50 -28.06 0.14
N GLY B 14 -28.77 -28.12 -0.27
CA GLY B 14 -29.36 -29.37 -0.71
C GLY B 14 -29.79 -30.25 0.44
N THR B 15 -29.31 -29.97 1.64
CA THR B 15 -29.66 -30.76 2.83
C THR B 15 -30.49 -29.95 3.81
N LEU B 16 -29.82 -29.11 4.61
CA LEU B 16 -30.52 -28.28 5.59
C LEU B 16 -31.58 -27.41 4.92
N LEU B 17 -31.17 -26.69 3.88
CA LEU B 17 -32.06 -25.85 3.10
C LEU B 17 -32.80 -26.67 2.04
N ASN B 18 -33.92 -26.13 1.57
CA ASN B 18 -34.74 -26.78 0.55
C ASN B 18 -34.30 -26.44 -0.86
N GLU B 19 -35.10 -26.90 -1.83
CA GLU B 19 -34.88 -26.65 -3.25
C GLU B 19 -34.74 -25.16 -3.54
N LYS B 20 -35.60 -24.36 -2.94
CA LYS B 20 -35.62 -22.91 -3.13
C LYS B 20 -34.40 -22.28 -2.47
N ASN B 21 -33.74 -23.05 -1.61
CA ASN B 21 -32.56 -22.59 -0.88
C ASN B 21 -32.95 -21.71 0.30
N GLU B 22 -34.08 -22.07 0.92
CA GLU B 22 -34.57 -21.37 2.10
C GLU B 22 -34.57 -22.30 3.30
N LEU B 23 -34.84 -21.74 4.47
CA LEU B 23 -34.94 -22.55 5.67
C LEU B 23 -36.40 -22.84 6.01
N ALA B 24 -36.87 -24.02 5.63
CA ALA B 24 -38.25 -24.42 5.92
C ALA B 24 -38.55 -24.25 7.40
N GLN B 25 -39.74 -23.74 7.71
CA GLN B 25 -40.14 -23.53 9.11
C GLN B 25 -40.25 -24.86 9.86
N ALA B 26 -40.44 -25.95 9.12
CA ALA B 26 -40.52 -27.28 9.71
C ALA B 26 -39.14 -27.72 10.17
N THR B 27 -38.11 -27.25 9.46
CA THR B 27 -36.73 -27.60 9.79
C THR B 27 -36.33 -26.89 11.08
N ILE B 28 -36.83 -25.68 11.28
CA ILE B 28 -36.56 -24.95 12.52
C ILE B 28 -37.11 -25.70 13.74
N ASP B 29 -38.27 -26.32 13.58
CA ASP B 29 -38.93 -26.98 14.69
C ASP B 29 -38.24 -28.27 15.11
N ALA B 30 -37.92 -29.11 14.13
CA ALA B 30 -37.23 -30.37 14.38
C ALA B 30 -35.91 -30.15 15.13
N VAL B 31 -35.12 -29.20 14.63
CA VAL B 31 -33.85 -28.89 15.29
C VAL B 31 -34.09 -28.34 16.70
N GLN B 32 -35.13 -27.52 16.85
CA GLN B 32 -35.48 -27.02 18.17
C GLN B 32 -35.94 -28.14 19.09
N ALA B 33 -36.57 -29.15 18.50
CA ALA B 33 -37.00 -30.32 19.24
C ALA B 33 -35.80 -31.08 19.80
N ALA B 34 -34.72 -31.16 19.02
CA ALA B 34 -33.51 -31.89 19.41
C ALA B 34 -32.68 -31.08 20.39
N LYS B 35 -32.60 -29.78 20.15
CA LYS B 35 -31.93 -28.88 21.07
C LYS B 35 -32.64 -28.99 22.40
N ALA B 36 -33.96 -28.85 22.37
CA ALA B 36 -34.79 -29.05 23.55
C ALA B 36 -34.34 -30.32 24.27
N GLN B 37 -34.14 -31.39 23.50
CA GLN B 37 -33.82 -32.68 24.06
C GLN B 37 -32.35 -32.86 24.46
N GLY B 38 -31.52 -31.85 24.17
CA GLY B 38 -30.13 -31.89 24.57
C GLY B 38 -29.21 -32.52 23.54
N ILE B 39 -29.71 -32.65 22.30
CA ILE B 39 -28.88 -33.09 21.18
C ILE B 39 -28.10 -31.93 20.59
N LYS B 40 -26.79 -32.11 20.43
CA LYS B 40 -25.96 -31.11 19.76
C LYS B 40 -26.18 -31.14 18.24
N VAL B 41 -26.94 -30.18 17.73
CA VAL B 41 -27.14 -30.04 16.30
C VAL B 41 -25.98 -29.25 15.68
N VAL B 42 -25.17 -29.90 14.86
CA VAL B 42 -23.94 -29.28 14.36
C VAL B 42 -23.93 -28.98 12.87
N LEU B 43 -24.13 -27.70 12.52
CA LEU B 43 -24.10 -27.28 11.13
C LEU B 43 -22.73 -27.50 10.51
N CYS B 44 -22.72 -27.87 9.24
CA CYS B 44 -21.47 -28.07 8.51
C CYS B 44 -21.50 -27.31 7.21
N THR B 45 -20.77 -26.20 7.19
CA THR B 45 -20.82 -25.34 6.04
C THR B 45 -19.44 -25.29 5.38
N GLY B 46 -19.43 -24.99 4.08
CA GLY B 46 -18.19 -24.77 3.36
C GLY B 46 -17.75 -23.33 3.52
N ARG B 47 -18.63 -22.53 4.10
CA ARG B 47 -18.39 -21.12 4.33
C ARG B 47 -17.82 -20.87 5.72
N PRO B 48 -17.59 -19.59 6.06
CA PRO B 48 -17.24 -19.22 7.43
C PRO B 48 -18.49 -19.13 8.29
N LEU B 49 -18.33 -18.94 9.59
CA LEU B 49 -19.47 -18.87 10.49
C LEU B 49 -20.43 -17.80 10.02
N THR B 50 -19.87 -16.70 9.52
CA THR B 50 -20.65 -15.56 9.06
C THR B 50 -21.71 -15.93 8.03
N GLY B 51 -21.51 -17.07 7.37
CA GLY B 51 -22.32 -17.47 6.23
C GLY B 51 -23.51 -18.35 6.56
N VAL B 52 -23.52 -18.88 7.79
CA VAL B 52 -24.63 -19.67 8.27
C VAL B 52 -25.28 -18.96 9.44
N GLN B 53 -24.66 -17.87 9.88
CA GLN B 53 -25.11 -17.14 11.06
C GLN B 53 -26.63 -16.96 11.21
N PRO B 54 -27.30 -16.47 10.15
CA PRO B 54 -28.74 -16.22 10.29
C PRO B 54 -29.55 -17.49 10.47
N TYR B 55 -29.01 -18.63 10.04
CA TYR B 55 -29.67 -19.91 10.30
C TYR B 55 -29.56 -20.23 11.78
N LEU B 56 -28.34 -20.15 12.29
CA LEU B 56 -28.05 -20.34 13.70
C LEU B 56 -28.98 -19.53 14.59
N ASP B 57 -29.44 -18.38 14.10
CA ASP B 57 -30.35 -17.54 14.85
C ASP B 57 -31.76 -18.14 14.89
N ALA B 58 -32.35 -18.31 13.73
CA ALA B 58 -33.71 -18.83 13.63
C ALA B 58 -33.87 -20.12 14.42
N ASP B 60 -31.89 -20.83 17.33
CA ASP B 60 -31.50 -20.65 18.73
C ASP B 60 -30.21 -21.38 19.05
N ILE B 61 -29.36 -21.61 18.06
CA ILE B 61 -28.09 -22.28 18.30
C ILE B 61 -26.99 -21.26 18.54
N ASP B 62 -26.45 -21.24 19.75
CA ASP B 62 -25.48 -20.23 20.14
C ASP B 62 -24.71 -20.65 21.39
N GLY B 63 -23.64 -19.92 21.70
CA GLY B 63 -22.94 -20.13 22.94
C GLY B 63 -21.72 -21.02 22.90
N ASP B 64 -21.32 -21.50 24.06
CA ASP B 64 -20.07 -22.23 24.20
C ASP B 64 -20.31 -23.72 24.29
N ASP B 65 -21.58 -24.10 24.32
CA ASP B 65 -21.94 -25.51 24.40
C ASP B 65 -22.54 -26.00 23.09
N GLN B 66 -22.56 -25.13 22.08
CA GLN B 66 -23.00 -25.50 20.73
C GLN B 66 -21.83 -25.39 19.76
N TYR B 67 -21.95 -25.98 18.57
CA TYR B 67 -20.78 -26.11 17.70
C TYR B 67 -21.09 -26.04 16.20
N ALA B 68 -20.03 -25.84 15.42
CA ALA B 68 -20.12 -25.82 13.96
C ALA B 68 -18.83 -26.24 13.30
N ILE B 69 -18.94 -26.97 12.19
CA ILE B 69 -17.80 -27.18 11.29
C ILE B 69 -17.94 -26.21 10.13
N THR B 70 -16.92 -25.35 9.94
CA THR B 70 -16.93 -24.38 8.86
C THR B 70 -15.78 -24.62 7.90
N PHE B 71 -15.80 -23.91 6.78
CA PHE B 71 -14.74 -24.02 5.78
C PHE B 71 -14.47 -25.47 5.42
N ASN B 72 -15.52 -26.20 5.08
CA ASN B 72 -15.44 -27.63 4.75
C ASN B 72 -14.58 -28.48 5.70
N GLY B 73 -14.57 -28.13 6.98
CA GLY B 73 -13.84 -28.90 7.95
C GLY B 73 -12.42 -28.41 8.20
N SER B 74 -12.15 -27.19 7.76
CA SER B 74 -10.85 -26.61 8.03
C SER B 74 -10.82 -26.15 9.49
N VAL B 75 -12.00 -25.87 10.04
CA VAL B 75 -12.11 -25.50 11.44
C VAL B 75 -13.36 -26.05 12.17
N ALA B 76 -13.14 -26.57 13.37
CA ALA B 76 -14.24 -26.91 14.27
C ALA B 76 -14.29 -25.83 15.34
N GLN B 77 -15.48 -25.38 15.69
CA GLN B 77 -15.56 -24.27 16.62
C GLN B 77 -16.86 -24.21 17.41
N THR B 78 -16.79 -23.56 18.57
CA THR B 78 -17.99 -23.15 19.31
C THR B 78 -18.68 -22.02 18.55
N ILE B 79 -19.96 -21.80 18.82
CA ILE B 79 -20.68 -20.75 18.11
C ILE B 79 -20.16 -19.36 18.51
N SER B 80 -19.57 -19.28 19.70
CA SER B 80 -18.96 -18.04 20.20
C SER B 80 -17.61 -17.73 19.54
N GLY B 81 -17.10 -18.67 18.75
CA GLY B 81 -15.89 -18.42 17.99
C GLY B 81 -14.62 -19.11 18.49
N LYS B 82 -14.75 -19.93 19.52
CA LYS B 82 -13.60 -20.64 20.05
C LYS B 82 -13.25 -21.85 19.16
N VAL B 83 -12.09 -21.80 18.52
CA VAL B 83 -11.68 -22.87 17.63
C VAL B 83 -11.12 -24.07 18.40
N LEU B 84 -11.73 -25.23 18.22
CA LEU B 84 -11.33 -26.46 18.89
C LEU B 84 -10.46 -27.32 17.97
N THR B 85 -10.63 -27.13 16.68
CA THR B 85 -9.85 -27.84 15.69
C THR B 85 -9.59 -26.90 14.55
N ASN B 86 -8.35 -26.82 14.09
CA ASN B 86 -8.07 -26.18 12.81
C ASN B 86 -7.03 -26.90 11.95
N HIS B 87 -7.28 -26.91 10.65
CA HIS B 87 -6.29 -27.36 9.69
C HIS B 87 -6.08 -26.21 8.72
N SER B 88 -5.11 -25.38 9.02
CA SER B 88 -4.91 -24.14 8.30
C SER B 88 -3.84 -24.30 7.26
N LEU B 89 -3.78 -23.34 6.34
CA LEU B 89 -2.63 -23.17 5.47
C LEU B 89 -1.58 -22.41 6.23
N THR B 90 -0.30 -22.74 6.04
CA THR B 90 0.76 -21.98 6.68
C THR B 90 0.97 -20.63 5.95
N TYR B 91 1.81 -19.77 6.51
CA TYR B 91 2.11 -18.51 5.88
C TYR B 91 2.91 -18.75 4.61
N GLU B 92 3.89 -19.64 4.71
CA GLU B 92 4.71 -20.05 3.58
C GLU B 92 3.82 -20.58 2.45
N ASP B 93 2.73 -21.24 2.83
CA ASP B 93 1.78 -21.74 1.85
C ASP B 93 1.15 -20.57 1.13
N TYR B 94 0.69 -19.60 1.91
CA TYR B 94 0.02 -18.43 1.36
C TYR B 94 0.93 -17.67 0.43
N ILE B 95 2.20 -17.56 0.81
CA ILE B 95 3.18 -16.83 0.02
C ILE B 95 3.38 -17.53 -1.30
N ASP B 96 3.39 -18.86 -1.26
CA ASP B 96 3.54 -19.69 -2.45
C ASP B 96 2.36 -19.60 -3.40
N LEU B 97 1.16 -19.64 -2.86
CA LEU B 97 -0.03 -19.64 -3.70
C LEU B 97 -0.26 -18.25 -4.25
N GLU B 98 -0.03 -17.23 -3.41
CA GLU B 98 -0.26 -15.87 -3.84
C GLU B 98 0.73 -15.50 -4.94
N ALA B 99 1.97 -15.95 -4.80
CA ALA B 99 3.02 -15.67 -5.77
C ALA B 99 2.62 -16.22 -7.12
N TRP B 100 2.18 -17.47 -7.13
CA TRP B 100 1.78 -18.11 -8.37
C TRP B 100 0.56 -17.39 -8.93
N ALA B 101 -0.38 -17.06 -8.07
CA ALA B 101 -1.57 -16.34 -8.51
C ALA B 101 -1.16 -15.17 -9.38
N ARG B 102 -0.02 -14.56 -9.08
CA ARG B 102 0.41 -13.38 -9.80
C ARG B 102 1.14 -13.71 -11.11
N LYS B 103 1.92 -14.79 -11.11
CA LYS B 103 2.55 -15.29 -12.33
C LYS B 103 1.51 -15.63 -13.39
N VAL B 104 0.50 -16.37 -12.99
CA VAL B 104 -0.59 -16.79 -13.86
C VAL B 104 -1.63 -15.68 -14.08
N ARG B 105 -1.56 -14.63 -13.27
CA ARG B 105 -2.44 -13.48 -13.42
C ARG B 105 -3.89 -13.83 -13.09
N ALA B 106 -4.10 -14.43 -11.93
CA ALA B 106 -5.44 -14.73 -11.45
C ALA B 106 -5.64 -14.06 -10.11
N HIS B 107 -6.79 -13.39 -9.95
CA HIS B 107 -7.13 -12.80 -8.67
C HIS B 107 -7.08 -13.88 -7.61
N PHE B 108 -6.78 -13.49 -6.39
CA PHE B 108 -6.51 -14.44 -5.32
C PHE B 108 -6.88 -13.81 -3.99
N GLN B 109 -7.57 -14.57 -3.15
CA GLN B 109 -8.00 -14.10 -1.83
C GLN B 109 -7.85 -15.23 -0.84
N ILE B 110 -7.69 -14.89 0.43
CA ILE B 110 -7.73 -15.88 1.49
C ILE B 110 -8.86 -15.56 2.43
N GLU B 111 -9.36 -16.56 3.13
CA GLU B 111 -10.44 -16.34 4.07
C GLU B 111 -10.06 -16.80 5.46
N THR B 112 -10.08 -15.85 6.38
CA THR B 112 -9.85 -16.11 7.79
C THR B 112 -11.21 -16.23 8.48
N PRO B 113 -11.24 -16.79 9.69
CA PRO B 113 -12.52 -16.85 10.42
C PRO B 113 -13.07 -15.47 10.77
N ASP B 114 -12.37 -14.41 10.36
CA ASP B 114 -12.77 -13.05 10.70
C ASP B 114 -12.92 -12.15 9.47
N TYR B 115 -12.03 -12.32 8.49
CA TYR B 115 -12.02 -11.43 7.32
C TYR B 115 -11.60 -12.13 6.05
N ILE B 116 -12.09 -11.59 4.93
CA ILE B 116 -11.51 -11.87 3.63
C ILE B 116 -10.31 -10.94 3.45
N TYR B 117 -9.17 -11.51 3.10
CA TYR B 117 -8.02 -10.69 2.74
C TYR B 117 -7.68 -10.80 1.24
N THR B 118 -7.23 -9.70 0.63
CA THR B 118 -6.76 -9.79 -0.74
C THR B 118 -5.70 -8.73 -1.09
N ALA B 119 -4.87 -9.03 -2.08
CA ALA B 119 -3.83 -8.09 -2.51
C ALA B 119 -4.07 -7.53 -3.93
N ASN B 120 -5.23 -7.89 -4.50
CA ASN B 120 -5.63 -7.34 -5.78
C ASN B 120 -6.16 -5.92 -5.62
N LYS B 121 -5.40 -4.94 -6.12
CA LYS B 121 -5.85 -3.55 -6.05
C LYS B 121 -7.05 -3.33 -6.96
N ASP B 122 -7.14 -4.12 -8.01
CA ASP B 122 -8.33 -4.17 -8.86
C ASP B 122 -9.14 -5.39 -8.41
N ILE B 123 -10.18 -5.14 -7.62
CA ILE B 123 -10.80 -6.21 -6.86
C ILE B 123 -11.79 -7.01 -7.68
N SER B 124 -11.53 -8.31 -7.79
CA SER B 124 -12.39 -9.20 -8.54
C SER B 124 -13.87 -9.03 -8.22
N ALA B 125 -14.71 -9.07 -9.24
CA ALA B 125 -16.13 -8.88 -9.02
C ALA B 125 -16.65 -10.01 -8.13
N TYR B 126 -15.92 -11.12 -8.13
CA TYR B 126 -16.34 -12.32 -7.39
C TYR B 126 -15.90 -12.29 -5.94
N THR B 127 -14.85 -11.54 -5.65
CA THR B 127 -14.43 -11.32 -4.27
C THR B 127 -15.50 -10.48 -3.60
N ILE B 128 -16.06 -9.54 -4.34
CA ILE B 128 -17.18 -8.74 -3.85
C ILE B 128 -18.43 -9.62 -3.74
N ALA B 129 -18.74 -10.34 -4.80
CA ALA B 129 -19.87 -11.25 -4.75
C ALA B 129 -19.76 -12.08 -3.49
N GLU B 130 -18.53 -12.46 -3.16
CA GLU B 130 -18.26 -13.32 -2.01
C GLU B 130 -18.52 -12.64 -0.66
N SER B 131 -17.92 -11.47 -0.47
CA SER B 131 -18.14 -10.72 0.75
C SER B 131 -19.63 -10.62 1.02
N TYR B 132 -20.40 -10.37 -0.04
CA TYR B 132 -21.83 -10.14 0.07
C TYR B 132 -22.57 -11.39 0.52
N LEU B 133 -22.57 -12.41 -0.33
CA LEU B 133 -23.36 -13.61 -0.07
C LEU B 133 -22.90 -14.34 1.19
N VAL B 134 -21.68 -14.08 1.61
CA VAL B 134 -21.08 -14.79 2.74
C VAL B 134 -21.05 -13.89 3.98
N ARG B 135 -21.32 -12.60 3.79
CA ARG B 135 -21.45 -11.64 4.88
C ARG B 135 -20.16 -11.52 5.70
N LEU B 137 -16.48 -9.19 5.86
CA LEU B 137 -15.78 -7.99 5.39
C LEU B 137 -14.51 -8.30 4.62
N ILE B 138 -14.13 -7.40 3.72
CA ILE B 138 -12.87 -7.49 2.99
C ILE B 138 -11.82 -6.51 3.53
N GLN B 139 -10.72 -7.04 4.05
CA GLN B 139 -9.58 -6.20 4.36
C GLN B 139 -8.61 -6.27 3.16
N TYR B 140 -8.33 -5.14 2.53
CA TYR B 140 -7.28 -5.12 1.53
C TYR B 140 -5.92 -4.95 2.20
N ARG B 141 -4.97 -5.78 1.82
CA ARG B 141 -3.60 -5.67 2.29
C ARG B 141 -2.68 -6.05 1.15
N GLU B 142 -1.64 -5.24 0.94
CA GLU B 142 -0.57 -5.65 0.03
C GLU B 142 0.14 -6.83 0.68
N VAL B 143 0.81 -7.66 -0.12
CA VAL B 143 1.21 -8.99 0.36
C VAL B 143 2.09 -8.96 1.62
N SER B 144 2.92 -7.93 1.74
CA SER B 144 3.78 -7.80 2.91
C SER B 144 2.97 -7.46 4.16
N GLU B 145 1.72 -7.06 3.99
CA GLU B 145 0.92 -6.56 5.10
C GLU B 145 -0.14 -7.55 5.57
N THR B 146 -0.15 -8.73 4.95
CA THR B 146 -0.97 -9.83 5.41
C THR B 146 -0.29 -10.36 6.67
N PRO B 147 -1.03 -10.38 7.79
CA PRO B 147 -0.47 -10.73 9.10
C PRO B 147 0.12 -12.12 9.12
N ARG B 148 1.25 -12.28 9.81
CA ARG B 148 1.90 -13.58 9.87
C ARG B 148 1.21 -14.52 10.89
N ASP B 149 0.46 -13.95 11.83
CA ASP B 149 -0.26 -14.69 12.86
C ASP B 149 -1.70 -15.05 12.44
N LEU B 150 -1.99 -14.97 11.16
CA LEU B 150 -3.35 -15.15 10.65
C LEU B 150 -3.79 -16.64 10.65
N THR B 151 -5.08 -16.88 10.82
CA THR B 151 -5.60 -18.24 10.68
C THR B 151 -6.13 -18.46 9.28
N ILE B 152 -5.26 -18.96 8.41
CA ILE B 152 -5.57 -19.12 7.00
C ILE B 152 -6.33 -20.40 6.73
N SER B 153 -7.66 -20.31 6.77
CA SER B 153 -8.51 -21.47 6.65
C SER B 153 -8.82 -21.84 5.21
N LYS B 154 -8.80 -20.84 4.34
CA LYS B 154 -9.22 -21.03 2.95
C LYS B 154 -8.43 -20.08 2.06
N ALA B 155 -7.84 -20.61 1.01
CA ALA B 155 -7.22 -19.78 -0.02
C ALA B 155 -8.00 -20.07 -1.29
N PHE B 157 -8.27 -19.11 -5.77
CA PHE B 157 -8.17 -18.41 -7.03
C PHE B 157 -9.58 -18.03 -7.49
N VAL B 158 -9.81 -16.73 -7.69
CA VAL B 158 -11.17 -16.21 -7.88
C VAL B 158 -11.21 -15.24 -9.06
N ASP B 159 -11.82 -15.65 -10.16
CA ASP B 159 -11.76 -14.84 -11.38
C ASP B 159 -12.83 -15.25 -12.39
N TYR B 160 -12.82 -14.60 -13.55
CA TYR B 160 -13.73 -14.98 -14.63
C TYR B 160 -13.49 -16.44 -15.05
N PRO B 161 -14.59 -17.19 -15.22
CA PRO B 161 -14.51 -18.61 -15.53
C PRO B 161 -13.42 -18.96 -16.54
N GLN B 162 -13.24 -18.12 -17.56
CA GLN B 162 -12.24 -18.39 -18.59
C GLN B 162 -10.79 -18.34 -18.05
N VAL B 163 -10.52 -17.40 -17.16
CA VAL B 163 -9.24 -17.40 -16.47
C VAL B 163 -9.11 -18.59 -15.51
N ILE B 164 -10.17 -18.86 -14.75
CA ILE B 164 -10.19 -20.01 -13.86
C ILE B 164 -9.84 -21.29 -14.62
N GLU B 165 -10.41 -21.43 -15.82
CA GLU B 165 -10.10 -22.56 -16.70
C GLU B 165 -8.61 -22.62 -17.01
N GLN B 166 -8.01 -21.46 -17.25
CA GLN B 166 -6.59 -21.39 -17.51
C GLN B 166 -5.81 -21.80 -16.26
N VAL B 167 -6.39 -21.49 -15.10
CA VAL B 167 -5.77 -21.80 -13.81
C VAL B 167 -5.77 -23.31 -13.58
N LYS B 168 -6.95 -23.90 -13.71
CA LYS B 168 -7.14 -25.36 -13.61
C LYS B 168 -6.13 -26.07 -14.49
N ALA B 169 -5.81 -25.46 -15.61
CA ALA B 169 -4.95 -26.07 -16.63
C ALA B 169 -3.46 -26.06 -16.27
N ASN B 170 -2.97 -24.96 -15.72
CA ASN B 170 -1.56 -24.82 -15.43
C ASN B 170 -1.17 -25.16 -13.99
N PRO B 172 0.23 -26.37 -10.81
CA PRO B 172 1.42 -27.15 -10.48
C PRO B 172 1.11 -28.44 -9.74
N GLN B 173 1.88 -29.49 -10.00
CA GLN B 173 1.67 -30.76 -9.33
C GLN B 173 1.92 -30.60 -7.84
N ASP B 174 2.90 -29.76 -7.52
CA ASP B 174 3.31 -29.58 -6.14
C ASP B 174 2.16 -29.07 -5.29
N PHE B 175 1.25 -28.32 -5.90
CA PHE B 175 0.11 -27.82 -5.17
C PHE B 175 -0.94 -28.90 -5.00
N LYS B 176 -1.20 -29.64 -6.07
CA LYS B 176 -2.12 -30.79 -6.01
C LYS B 176 -1.65 -31.76 -4.95
N ASP B 177 -0.33 -31.93 -4.83
CA ASP B 177 0.23 -32.82 -3.83
C ASP B 177 0.06 -32.19 -2.45
N ARG B 178 0.57 -30.97 -2.30
CA ARG B 178 0.62 -30.30 -1.00
C ARG B 178 -0.74 -30.00 -0.38
N PHE B 179 -1.74 -29.73 -1.21
CA PHE B 179 -3.02 -29.26 -0.70
C PHE B 179 -4.21 -30.03 -1.23
N SER B 180 -5.38 -29.67 -0.70
CA SER B 180 -6.64 -30.05 -1.31
C SER B 180 -7.06 -28.96 -2.29
N VAL B 181 -7.07 -29.28 -3.58
CA VAL B 181 -7.40 -28.28 -4.60
C VAL B 181 -8.69 -28.65 -5.33
N VAL B 182 -9.77 -27.97 -4.97
CA VAL B 182 -11.09 -28.35 -5.45
C VAL B 182 -11.79 -27.15 -6.07
N GLN B 183 -12.47 -27.37 -7.19
CA GLN B 183 -13.19 -26.30 -7.87
C GLN B 183 -14.66 -26.25 -7.43
N SER B 184 -15.00 -25.27 -6.61
CA SER B 184 -16.34 -25.16 -6.06
C SER B 184 -17.28 -24.49 -7.04
N ALA B 185 -16.71 -23.76 -7.99
CA ALA B 185 -17.53 -23.05 -8.96
C ALA B 185 -16.75 -22.84 -10.24
N PRO B 186 -17.37 -22.18 -11.24
CA PRO B 186 -16.64 -21.88 -12.47
C PRO B 186 -15.68 -20.71 -12.28
N TYR B 187 -15.86 -19.98 -11.19
CA TYR B 187 -15.03 -18.82 -10.90
C TYR B 187 -14.17 -19.03 -9.66
N PHE B 188 -14.35 -20.17 -8.98
CA PHE B 188 -13.61 -20.48 -7.77
C PHE B 188 -12.76 -21.72 -7.91
N ILE B 189 -11.53 -21.64 -7.44
CA ILE B 189 -10.78 -22.85 -7.14
C ILE B 189 -10.28 -22.71 -5.72
N GLU B 190 -10.88 -23.47 -4.81
CA GLU B 190 -10.58 -23.34 -3.40
C GLU B 190 -9.38 -24.21 -3.06
N VAL B 191 -8.51 -23.65 -2.23
CA VAL B 191 -7.31 -24.36 -1.81
C VAL B 191 -7.30 -24.41 -0.28
N ASN B 193 -5.95 -26.81 3.59
CA ASN B 193 -5.05 -27.75 4.24
C ASN B 193 -5.37 -29.18 3.86
N ARG B 194 -4.34 -29.93 3.47
CA ARG B 194 -4.54 -31.28 2.92
C ARG B 194 -5.32 -32.23 3.81
N ARG B 195 -5.40 -31.95 5.10
CA ARG B 195 -6.15 -32.83 6.00
C ARG B 195 -7.40 -32.16 6.60
N ALA B 196 -8.00 -31.27 5.83
CA ALA B 196 -9.32 -30.75 6.17
C ALA B 196 -10.36 -31.52 5.36
N SER B 197 -11.49 -31.79 6.00
CA SER B 197 -12.60 -32.53 5.39
C SER B 197 -13.69 -32.62 6.43
N LYS B 198 -14.94 -32.39 6.03
CA LYS B 198 -16.04 -32.36 6.97
C LYS B 198 -16.05 -33.57 7.93
N GLY B 199 -15.97 -34.76 7.36
CA GLY B 199 -16.02 -35.98 8.17
C GLY B 199 -14.78 -36.19 9.02
N GLY B 200 -13.65 -35.68 8.56
CA GLY B 200 -12.42 -35.77 9.31
C GLY B 200 -12.55 -34.97 10.60
N THR B 201 -13.06 -33.76 10.48
CA THR B 201 -13.18 -32.88 11.63
C THR B 201 -14.31 -33.32 12.52
N LEU B 202 -15.46 -33.63 11.92
CA LEU B 202 -16.58 -34.15 12.68
C LEU B 202 -16.08 -35.23 13.63
N SER B 203 -15.31 -36.16 13.08
CA SER B 203 -14.64 -37.18 13.87
C SER B 203 -13.91 -36.59 15.07
N GLU B 204 -12.98 -35.69 14.80
CA GLU B 204 -12.20 -35.03 15.85
C GLU B 204 -13.09 -34.28 16.83
N LEU B 205 -14.04 -33.51 16.31
CA LEU B 205 -15.02 -32.85 17.16
C LEU B 205 -15.69 -33.84 18.12
N VAL B 206 -16.00 -35.04 17.62
CA VAL B 206 -16.68 -36.06 18.42
C VAL B 206 -15.80 -36.56 19.58
N ASP B 207 -14.54 -36.88 19.31
CA ASP B 207 -13.64 -37.25 20.40
C ASP B 207 -13.57 -36.12 21.42
N GLN B 208 -13.30 -34.92 20.93
CA GLN B 208 -13.22 -33.72 21.77
C GLN B 208 -14.46 -33.49 22.66
N LEU B 209 -15.60 -34.02 22.23
CA LEU B 209 -16.80 -33.93 23.03
C LEU B 209 -16.98 -35.18 23.91
N GLY B 210 -16.09 -36.15 23.72
CA GLY B 210 -16.12 -37.38 24.48
C GLY B 210 -17.20 -38.33 23.98
N LEU B 211 -17.50 -38.25 22.68
CA LEU B 211 -18.55 -39.07 22.10
C LEU B 211 -17.98 -40.10 21.11
N THR B 212 -18.89 -40.82 20.44
CA THR B 212 -18.51 -41.90 19.56
C THR B 212 -19.27 -41.82 18.24
N ALA B 213 -18.73 -42.43 17.19
CA ALA B 213 -19.42 -42.48 15.92
C ALA B 213 -20.87 -42.92 16.16
N ASP B 214 -21.04 -43.90 17.04
CA ASP B 214 -22.36 -44.45 17.35
C ASP B 214 -23.28 -43.44 18.04
N ASP B 215 -22.73 -42.29 18.41
CA ASP B 215 -23.52 -41.23 19.03
C ASP B 215 -24.03 -40.24 17.98
N VAL B 216 -23.40 -40.28 16.81
CA VAL B 216 -23.61 -39.21 15.84
C VAL B 216 -24.35 -39.64 14.59
N THR B 218 -25.51 -38.28 10.74
CA THR B 218 -25.15 -37.30 9.73
C THR B 218 -26.21 -37.12 8.64
N LEU B 219 -26.26 -35.93 8.05
CA LEU B 219 -27.20 -35.64 6.98
C LEU B 219 -26.50 -34.96 5.80
N GLY B 220 -26.20 -35.73 4.76
CA GLY B 220 -25.49 -35.21 3.59
C GLY B 220 -26.16 -35.58 2.28
N ASP B 221 -25.78 -34.89 1.21
CA ASP B 221 -26.39 -35.09 -0.10
C ASP B 221 -25.39 -35.07 -1.26
N GLN B 222 -24.29 -34.36 -1.07
CA GLN B 222 -23.31 -34.21 -2.16
C GLN B 222 -22.04 -35.03 -1.94
N GLY B 223 -21.15 -35.00 -2.94
CA GLY B 223 -19.97 -35.86 -2.93
C GLY B 223 -19.09 -35.73 -1.70
N ASN B 224 -19.00 -34.52 -1.16
CA ASN B 224 -18.10 -34.25 -0.04
C ASN B 224 -18.72 -34.52 1.33
N ASP B 225 -19.95 -35.01 1.33
CA ASP B 225 -20.59 -35.48 2.58
C ASP B 225 -20.41 -36.98 2.66
N LEU B 226 -19.70 -37.55 1.70
CA LEU B 226 -19.51 -38.99 1.64
C LEU B 226 -18.92 -39.51 2.96
N THR B 227 -17.75 -38.97 3.32
CA THR B 227 -17.03 -39.43 4.51
C THR B 227 -17.76 -39.08 5.80
N ILE B 229 -21.24 -39.25 6.11
CA ILE B 229 -22.20 -40.34 6.19
C ILE B 229 -21.50 -41.63 6.60
N LYS B 230 -20.33 -41.88 6.00
CA LYS B 230 -19.57 -43.09 6.32
C LYS B 230 -19.21 -43.15 7.81
N TYR B 231 -18.70 -42.05 8.34
CA TYR B 231 -18.26 -41.98 9.73
C TYR B 231 -19.39 -42.26 10.71
N ALA B 232 -20.48 -41.53 10.57
CA ALA B 232 -21.60 -41.66 11.49
C ALA B 232 -22.08 -43.12 11.59
N GLY B 233 -22.37 -43.55 12.81
CA GLY B 233 -23.00 -44.84 13.03
C GLY B 233 -24.38 -44.79 12.43
N LEU B 234 -24.91 -43.57 12.27
CA LEU B 234 -26.17 -43.38 11.60
C LEU B 234 -26.01 -42.46 10.40
N GLY B 235 -25.24 -42.92 9.41
CA GLY B 235 -25.15 -42.20 8.15
C GLY B 235 -26.53 -42.15 7.53
N VAL B 236 -27.05 -40.96 7.31
CA VAL B 236 -28.37 -40.79 6.68
C VAL B 236 -28.26 -40.02 5.38
N ALA B 237 -28.95 -40.48 4.34
CA ALA B 237 -28.83 -39.87 3.01
C ALA B 237 -30.10 -39.14 2.56
N GLY B 239 -32.77 -37.81 -0.20
CA GLY B 239 -33.33 -38.36 -1.43
C GLY B 239 -32.78 -37.70 -2.67
N ASN B 240 -32.01 -36.62 -2.48
CA ASN B 240 -31.44 -35.87 -3.58
C ASN B 240 -30.01 -36.30 -3.80
N ALA B 241 -29.46 -37.00 -2.80
CA ALA B 241 -28.06 -37.40 -2.79
C ALA B 241 -27.63 -38.11 -4.07
N ILE B 242 -26.35 -37.99 -4.40
CA ILE B 242 -25.81 -38.74 -5.51
C ILE B 242 -25.88 -40.21 -5.13
N ASP B 243 -25.86 -41.08 -6.12
CA ASP B 243 -26.01 -42.51 -5.86
C ASP B 243 -24.92 -43.03 -4.93
N GLU B 244 -23.71 -42.50 -5.06
CA GLU B 244 -22.59 -42.91 -4.21
C GLU B 244 -22.93 -42.73 -2.73
N VAL B 245 -23.60 -41.62 -2.40
CA VAL B 245 -23.99 -41.31 -1.03
C VAL B 245 -25.09 -42.24 -0.54
N LYS B 246 -26.21 -42.26 -1.24
CA LYS B 246 -27.29 -43.17 -0.89
C LYS B 246 -26.75 -44.59 -0.74
N GLU B 247 -25.64 -44.85 -1.42
CA GLU B 247 -25.03 -46.18 -1.49
C GLU B 247 -24.26 -46.53 -0.21
N ALA B 248 -24.23 -45.60 0.74
CA ALA B 248 -23.44 -45.79 1.96
C ALA B 248 -24.26 -45.63 3.24
N ALA B 249 -25.26 -44.77 3.19
CA ALA B 249 -26.05 -44.46 4.38
C ALA B 249 -26.58 -45.70 5.10
N GLN B 250 -26.87 -45.52 6.39
CA GLN B 250 -27.55 -46.55 7.17
C GLN B 250 -29.05 -46.35 7.01
N ALA B 251 -29.43 -45.28 6.34
CA ALA B 251 -30.84 -44.96 6.13
C ALA B 251 -30.97 -43.94 5.01
N VAL B 252 -32.20 -43.55 4.70
CA VAL B 252 -32.47 -42.51 3.71
C VAL B 252 -33.77 -41.80 4.05
N THR B 253 -33.84 -40.50 3.74
CA THR B 253 -35.05 -39.74 3.99
C THR B 253 -35.51 -39.04 2.72
N LEU B 254 -36.43 -38.09 2.88
CA LEU B 254 -37.05 -37.41 1.75
C LEU B 254 -36.09 -36.57 0.94
N THR B 255 -36.63 -35.54 0.31
CA THR B 255 -35.83 -34.57 -0.42
C THR B 255 -35.71 -33.38 0.49
N ASN B 256 -34.69 -32.55 0.31
CA ASN B 256 -34.68 -31.25 0.96
C ASN B 256 -35.94 -30.53 0.57
N ALA B 257 -36.42 -30.85 -0.63
CA ALA B 257 -37.64 -30.30 -1.18
C ALA B 257 -38.83 -30.58 -0.27
N GLU B 258 -38.92 -31.81 0.23
CA GLU B 258 -39.99 -32.20 1.14
C GLU B 258 -39.45 -32.39 2.56
N ASN B 259 -38.42 -31.63 2.89
CA ASN B 259 -37.89 -31.57 4.24
C ASN B 259 -37.51 -32.93 4.82
N GLY B 260 -36.70 -33.69 4.07
CA GLY B 260 -36.19 -34.96 4.54
C GLY B 260 -35.35 -34.80 5.80
N VAL B 261 -34.99 -33.57 6.12
CA VAL B 261 -34.25 -33.27 7.33
C VAL B 261 -35.20 -33.21 8.53
N ALA B 262 -36.28 -32.44 8.40
CA ALA B 262 -37.32 -32.43 9.42
C ALA B 262 -37.74 -33.86 9.73
N ALA B 263 -37.99 -34.62 8.68
CA ALA B 263 -38.38 -36.02 8.82
C ALA B 263 -37.32 -36.84 9.55
N ALA B 264 -36.15 -36.93 8.93
CA ALA B 264 -35.05 -37.74 9.46
C ALA B 264 -34.79 -37.48 10.94
N ILE B 265 -35.05 -36.26 11.39
CA ILE B 265 -34.82 -35.90 12.78
C ILE B 265 -35.87 -36.49 13.72
N ARG B 266 -37.15 -36.31 13.37
CA ARG B 266 -38.23 -36.83 14.17
C ARG B 266 -38.23 -38.35 14.15
N LYS B 267 -37.90 -38.91 13.00
CA LYS B 267 -37.95 -40.36 12.81
C LYS B 267 -36.85 -41.06 13.59
N TYR B 268 -35.62 -40.55 13.50
CA TYR B 268 -34.47 -41.23 14.08
C TYR B 268 -34.00 -40.69 15.44
N ALA B 269 -34.29 -39.42 15.72
CA ALA B 269 -33.89 -38.82 16.99
C ALA B 269 -35.10 -38.44 17.83
N THR C 4 28.20 30.46 38.99
CA THR C 4 28.64 29.06 38.94
C THR C 4 27.73 28.20 38.06
N ILE C 5 28.35 27.41 37.18
CA ILE C 5 27.61 26.76 36.11
C ILE C 5 27.50 25.24 36.27
N LYS C 6 26.28 24.74 36.16
CA LYS C 6 26.00 23.32 36.32
C LYS C 6 25.49 22.67 35.02
N LEU C 7 24.95 23.51 34.13
CA LEU C 7 24.41 23.03 32.87
C LEU C 7 24.78 23.96 31.71
N ILE C 8 25.41 23.40 30.67
CA ILE C 8 25.77 24.18 29.48
C ILE C 8 25.02 23.67 28.24
N ALA C 9 24.26 24.57 27.60
CA ALA C 9 23.56 24.24 26.36
C ALA C 9 24.32 24.74 25.13
N ILE C 10 24.86 23.81 24.34
CA ILE C 10 25.64 24.15 23.14
C ILE C 10 24.92 23.85 21.81
N ASP C 11 24.81 24.87 20.96
CA ASP C 11 24.30 24.69 19.60
C ASP C 11 25.28 23.90 18.72
N ILE C 12 24.81 23.42 17.57
CA ILE C 12 25.59 22.47 16.78
C ILE C 12 26.31 23.02 15.55
N ASP C 13 25.61 23.81 14.73
CA ASP C 13 26.23 24.35 13.51
C ASP C 13 26.64 25.81 13.66
N ALA C 24 36.50 18.52 16.56
CA ALA C 24 37.61 19.30 17.08
C ALA C 24 38.08 18.78 18.44
N GLN C 25 39.30 18.24 18.48
CA GLN C 25 39.81 17.63 19.71
C GLN C 25 39.79 18.59 20.89
N ALA C 26 40.05 19.88 20.62
CA ALA C 26 40.03 20.89 21.67
C ALA C 26 38.61 21.09 22.20
N THR C 27 37.62 20.89 21.33
CA THR C 27 36.22 21.00 21.73
C THR C 27 35.88 19.83 22.63
N ILE C 28 36.39 18.66 22.28
CA ILE C 28 36.18 17.46 23.06
C ILE C 28 36.80 17.62 24.45
N ASP C 29 38.11 17.84 24.47
CA ASP C 29 38.87 17.96 25.71
C ASP C 29 38.17 18.84 26.73
N ALA C 30 37.69 20.00 26.28
CA ALA C 30 37.06 20.98 27.16
C ALA C 30 35.77 20.44 27.77
N VAL C 31 35.04 19.64 27.03
CA VAL C 31 33.81 19.06 27.52
C VAL C 31 34.05 17.97 28.56
N GLN C 32 34.87 16.98 28.22
CA GLN C 32 35.20 15.92 29.17
C GLN C 32 35.74 16.50 30.48
N ALA C 33 36.18 17.76 30.43
CA ALA C 33 36.56 18.48 31.64
C ALA C 33 35.31 18.94 32.38
N ALA C 34 34.46 19.69 31.69
CA ALA C 34 33.19 20.14 32.26
C ALA C 34 32.38 18.96 32.76
N LYS C 35 32.39 17.88 31.98
CA LYS C 35 31.72 16.65 32.34
C LYS C 35 32.34 16.04 33.61
N ALA C 36 33.66 15.96 33.63
CA ALA C 36 34.38 15.37 34.77
C ALA C 36 34.27 16.24 36.02
N GLN C 37 33.83 17.49 35.82
CA GLN C 37 33.60 18.40 36.93
C GLN C 37 32.11 18.38 37.31
N GLY C 38 31.38 17.44 36.72
CA GLY C 38 29.98 17.24 37.04
C GLY C 38 29.00 18.13 36.31
N ILE C 39 29.45 18.72 35.20
CA ILE C 39 28.57 19.57 34.42
C ILE C 39 27.75 18.75 33.43
N LYS C 40 26.45 19.05 33.36
CA LYS C 40 25.60 18.44 32.35
C LYS C 40 25.66 19.29 31.08
N VAL C 41 26.29 18.76 30.04
CA VAL C 41 26.36 19.43 28.75
C VAL C 41 25.22 18.97 27.85
N VAL C 42 24.41 19.90 27.32
CA VAL C 42 23.25 19.51 26.50
C VAL C 42 23.26 20.05 25.06
N LEU C 43 23.59 19.17 24.11
CA LEU C 43 23.62 19.54 22.69
C LEU C 43 22.24 19.95 22.23
N CYS C 44 22.16 21.08 21.55
CA CYS C 44 20.88 21.57 21.06
C CYS C 44 20.93 21.62 19.54
N THR C 45 20.03 20.87 18.91
CA THR C 45 20.07 20.71 17.47
C THR C 45 18.68 20.72 16.84
N GLY C 46 18.64 21.00 15.54
CA GLY C 46 17.40 20.93 14.78
C GLY C 46 17.21 19.51 14.29
N ARG C 47 18.29 18.72 14.37
CA ARG C 47 18.28 17.33 13.99
C ARG C 47 17.65 16.40 15.03
N PRO C 48 17.32 15.17 14.63
CA PRO C 48 16.93 14.11 15.56
C PRO C 48 18.12 13.72 16.41
N LEU C 49 17.89 13.05 17.53
CA LEU C 49 18.96 12.60 18.39
C LEU C 49 20.03 11.95 17.51
N THR C 50 19.57 11.03 16.68
CA THR C 50 20.43 10.30 15.75
C THR C 50 21.38 11.21 14.99
N GLY C 51 20.96 12.45 14.75
CA GLY C 51 21.73 13.38 13.95
C GLY C 51 23.01 13.85 14.62
N VAL C 52 23.06 13.73 15.94
CA VAL C 52 24.19 14.22 16.70
C VAL C 52 24.84 13.12 17.52
N GLN C 53 24.31 11.90 17.41
CA GLN C 53 24.79 10.76 18.18
C GLN C 53 26.31 10.56 18.13
N PRO C 54 26.94 10.83 16.97
CA PRO C 54 28.40 10.72 16.85
C PRO C 54 29.19 11.74 17.68
N TYR C 55 28.63 12.92 17.93
CA TYR C 55 29.32 13.89 18.76
C TYR C 55 29.27 13.42 20.20
N LEU C 56 28.12 12.86 20.58
CA LEU C 56 27.92 12.38 21.94
C LEU C 56 28.85 11.22 22.30
N ASP C 57 29.27 10.44 21.31
CA ASP C 57 30.13 9.30 21.59
C ASP C 57 31.58 9.74 21.69
N ALA C 58 31.97 10.68 20.84
CA ALA C 58 33.30 11.24 20.88
C ALA C 58 33.49 12.01 22.18
N ASP C 60 31.62 11.31 25.07
CA ASP C 60 31.30 10.47 26.22
C ASP C 60 30.06 10.91 27.00
N ILE C 61 29.12 11.56 26.31
CA ILE C 61 27.83 11.91 26.91
C ILE C 61 26.78 10.84 26.62
N ASP C 62 26.09 10.37 27.67
CA ASP C 62 25.12 9.29 27.52
C ASP C 62 24.52 8.83 28.84
N GLY C 63 23.68 7.79 28.76
CA GLY C 63 22.97 7.28 29.92
C GLY C 63 21.61 7.92 30.09
N ASP C 64 20.96 7.67 31.23
CA ASP C 64 19.65 8.23 31.51
C ASP C 64 19.75 9.60 32.18
N ASP C 65 20.97 10.07 32.41
CA ASP C 65 21.19 11.29 33.17
C ASP C 65 22.00 12.34 32.42
N GLN C 66 22.04 12.23 31.10
CA GLN C 66 22.59 13.27 30.23
C GLN C 66 21.48 13.62 29.24
N TYR C 67 21.51 14.81 28.65
CA TYR C 67 20.31 15.30 27.97
C TYR C 67 20.58 16.15 26.74
N ALA C 68 19.63 16.18 25.82
CA ALA C 68 19.74 16.99 24.60
C ALA C 68 18.42 17.60 24.16
N ILE C 69 18.49 18.77 23.55
CA ILE C 69 17.33 19.34 22.88
C ILE C 69 17.47 19.09 21.39
N THR C 70 16.50 18.41 20.80
CA THR C 70 16.53 18.08 19.39
C THR C 70 15.38 18.75 18.66
N PHE C 71 15.38 18.63 17.34
CA PHE C 71 14.33 19.20 16.52
C PHE C 71 14.04 20.64 16.91
N ASN C 72 15.09 21.45 17.06
CA ASN C 72 14.94 22.85 17.46
C ASN C 72 13.95 23.03 18.59
N GLY C 73 14.20 22.36 19.71
CA GLY C 73 13.41 22.53 20.91
C GLY C 73 12.01 21.98 20.78
N SER C 74 11.86 20.93 19.98
CA SER C 74 10.56 20.30 19.84
C SER C 74 10.54 19.05 20.73
N VAL C 75 11.74 18.67 21.19
CA VAL C 75 11.93 17.46 21.96
C VAL C 75 13.12 17.62 22.89
N ALA C 76 12.92 17.32 24.17
CA ALA C 76 14.05 17.18 25.08
C ALA C 76 14.08 15.72 25.47
N GLN C 77 15.26 15.15 25.64
CA GLN C 77 15.33 13.71 25.92
C GLN C 77 16.65 13.26 26.56
N THR C 78 16.62 12.10 27.20
CA THR C 78 17.85 11.49 27.71
C THR C 78 18.60 10.94 26.52
N ILE C 79 19.92 10.92 26.61
CA ILE C 79 20.76 10.44 25.51
C ILE C 79 20.52 8.95 25.25
N SER C 80 19.74 8.32 26.12
CA SER C 80 19.40 6.91 25.95
C SER C 80 18.05 6.70 25.26
N GLY C 81 17.25 7.77 25.13
CA GLY C 81 16.06 7.69 24.30
C GLY C 81 14.77 8.27 24.84
N LYS C 82 14.60 8.27 26.16
CA LYS C 82 13.34 8.74 26.76
C LYS C 82 13.09 10.22 26.48
N VAL C 83 11.90 10.51 25.96
CA VAL C 83 11.51 11.90 25.70
C VAL C 83 11.02 12.54 26.99
N LEU C 84 11.56 13.71 27.33
CA LEU C 84 11.20 14.39 28.57
C LEU C 84 10.14 15.46 28.32
N THR C 85 10.18 16.07 27.15
CA THR C 85 9.15 17.01 26.75
C THR C 85 9.11 17.12 25.24
N ASN C 86 7.97 17.55 24.73
CA ASN C 86 7.79 17.73 23.32
C ASN C 86 6.74 18.78 23.04
N HIS C 87 6.80 19.36 21.86
CA HIS C 87 5.75 20.24 21.36
C HIS C 87 5.55 19.84 19.92
N SER C 88 4.49 19.06 19.69
CA SER C 88 4.32 18.37 18.42
C SER C 88 3.21 18.97 17.57
N LEU C 89 2.98 18.38 16.41
CA LEU C 89 1.80 18.68 15.62
C LEU C 89 0.74 17.64 15.95
N THR C 90 -0.52 18.04 15.92
CA THR C 90 -1.60 17.09 16.11
C THR C 90 -1.76 16.24 14.84
N TYR C 91 -2.44 15.11 14.97
CA TYR C 91 -2.68 14.27 13.80
C TYR C 91 -3.43 15.07 12.74
N GLU C 92 -4.32 15.96 13.19
CA GLU C 92 -5.13 16.73 12.28
C GLU C 92 -4.25 17.73 11.51
N ASP C 93 -3.24 18.26 12.18
CA ASP C 93 -2.27 19.09 11.48
C ASP C 93 -1.68 18.31 10.31
N TYR C 94 -1.27 17.07 10.56
CA TYR C 94 -0.63 16.24 9.53
C TYR C 94 -1.52 16.07 8.31
N ILE C 95 -2.81 15.82 8.56
CA ILE C 95 -3.76 15.68 7.47
C ILE C 95 -3.80 16.94 6.61
N ASP C 96 -4.05 18.09 7.24
CA ASP C 96 -4.04 19.39 6.57
C ASP C 96 -2.79 19.62 5.72
N LEU C 97 -1.63 19.42 6.33
CA LEU C 97 -0.37 19.67 5.67
C LEU C 97 -0.11 18.68 4.54
N GLU C 98 -0.27 17.39 4.82
CA GLU C 98 -0.02 16.36 3.82
C GLU C 98 -1.03 16.51 2.69
N ALA C 99 -2.26 16.88 3.03
CA ALA C 99 -3.29 17.05 2.00
C ALA C 99 -2.86 18.15 1.07
N TRP C 100 -2.40 19.25 1.65
CA TRP C 100 -2.02 20.40 0.85
C TRP C 100 -0.77 20.07 0.03
N ALA C 101 0.19 19.40 0.65
CA ALA C 101 1.39 18.95 -0.05
C ALA C 101 1.02 18.34 -1.39
N ARG C 102 -0.07 17.58 -1.41
CA ARG C 102 -0.53 16.95 -2.64
C ARG C 102 -1.25 17.91 -3.57
N LYS C 103 -2.07 18.80 -3.02
CA LYS C 103 -2.70 19.82 -3.86
C LYS C 103 -1.66 20.62 -4.64
N VAL C 104 -0.45 20.72 -4.07
CA VAL C 104 0.56 21.63 -4.58
C VAL C 104 1.74 20.90 -5.22
N ARG C 105 1.69 19.56 -5.20
CA ARG C 105 2.64 18.73 -5.93
C ARG C 105 4.06 18.75 -5.38
N ALA C 106 4.19 18.84 -4.07
CA ALA C 106 5.51 18.85 -3.43
C ALA C 106 5.64 17.65 -2.51
N HIS C 107 6.77 16.97 -2.60
CA HIS C 107 7.03 15.83 -1.73
C HIS C 107 6.85 16.23 -0.26
N PHE C 108 6.49 15.27 0.58
CA PHE C 108 6.19 15.58 1.96
C PHE C 108 6.56 14.47 2.94
N GLN C 109 7.09 14.87 4.09
CA GLN C 109 7.54 13.90 5.06
C GLN C 109 7.52 14.50 6.46
N ILE C 110 7.19 13.67 7.45
CA ILE C 110 7.29 14.09 8.83
C ILE C 110 8.40 13.31 9.50
N GLU C 111 8.85 13.80 10.64
CA GLU C 111 9.89 13.14 11.40
C GLU C 111 9.45 12.99 12.85
N THR C 112 9.80 11.87 13.46
CA THR C 112 9.57 11.64 14.88
C THR C 112 10.93 11.30 15.47
N PRO C 113 10.98 11.12 16.79
CA PRO C 113 12.22 10.69 17.43
C PRO C 113 12.70 9.32 16.97
N ASP C 114 11.90 8.65 16.15
CA ASP C 114 12.19 7.28 15.75
C ASP C 114 12.36 7.11 14.25
N TYR C 115 11.54 7.81 13.47
CA TYR C 115 11.50 7.59 12.03
C TYR C 115 11.11 8.80 11.23
N ILE C 116 11.63 8.82 10.00
CA ILE C 116 11.13 9.66 8.93
C ILE C 116 9.99 8.90 8.28
N TYR C 117 8.84 9.53 8.12
CA TYR C 117 7.71 8.87 7.48
C TYR C 117 7.36 9.63 6.21
N THR C 118 7.10 8.90 5.14
CA THR C 118 6.71 9.55 3.88
C THR C 118 5.64 8.77 3.16
N ALA C 119 4.65 9.46 2.62
CA ALA C 119 3.61 8.78 1.87
C ALA C 119 3.93 8.79 0.37
N ASN C 120 5.08 9.39 0.04
CA ASN C 120 5.54 9.57 -1.33
C ASN C 120 6.15 8.31 -1.92
N LYS C 121 5.40 7.62 -2.79
CA LYS C 121 5.88 6.37 -3.37
C LYS C 121 7.11 6.66 -4.20
N ASP C 122 7.11 7.81 -4.86
CA ASP C 122 8.28 8.27 -5.59
C ASP C 122 9.05 9.17 -4.64
N ILE C 123 10.08 8.61 -4.01
CA ILE C 123 10.71 9.25 -2.87
C ILE C 123 11.75 10.30 -3.24
N SER C 124 11.47 11.55 -2.87
CA SER C 124 12.38 12.67 -3.13
C SER C 124 13.80 12.32 -2.72
N ALA C 125 14.76 12.86 -3.45
CA ALA C 125 16.16 12.57 -3.20
C ALA C 125 16.63 13.24 -1.92
N TYR C 126 15.94 14.28 -1.51
CA TYR C 126 16.32 15.04 -0.32
C TYR C 126 15.82 14.36 0.96
N THR C 127 14.83 13.49 0.80
CA THR C 127 14.38 12.63 1.88
C THR C 127 15.46 11.59 2.10
N ILE C 128 15.82 10.90 1.04
CA ILE C 128 16.88 9.91 1.14
C ILE C 128 18.17 10.59 1.61
N ALA C 129 18.40 11.81 1.15
CA ALA C 129 19.53 12.60 1.61
C ALA C 129 19.41 12.81 3.11
N GLU C 130 18.24 13.29 3.53
CA GLU C 130 17.97 13.57 4.94
C GLU C 130 18.22 12.37 5.82
N SER C 131 17.70 11.22 5.40
CA SER C 131 17.78 9.99 6.17
C SER C 131 19.21 9.49 6.31
N TYR C 132 20.01 9.73 5.28
CA TYR C 132 21.39 9.25 5.30
C TYR C 132 22.30 10.07 6.20
N LEU C 133 22.12 11.39 6.16
CA LEU C 133 22.99 12.29 6.89
C LEU C 133 22.59 12.43 8.36
N VAL C 134 21.30 12.23 8.64
CA VAL C 134 20.79 12.26 10.00
C VAL C 134 20.82 10.86 10.61
N ARG C 135 20.93 9.86 9.75
CA ARG C 135 20.93 8.45 10.17
C ARG C 135 19.57 8.00 10.72
N LEU C 137 16.11 6.03 9.85
CA LEU C 137 15.49 5.10 8.92
C LEU C 137 14.23 5.73 8.31
N ILE C 138 13.84 5.26 7.13
CA ILE C 138 12.60 5.71 6.53
C ILE C 138 11.53 4.63 6.60
N GLN C 139 10.34 5.00 7.05
CA GLN C 139 9.19 4.13 6.96
C GLN C 139 8.27 4.72 5.89
N TYR C 140 8.02 3.99 4.81
CA TYR C 140 6.99 4.39 3.89
C TYR C 140 5.64 4.01 4.45
N ARG C 141 4.73 4.98 4.52
CA ARG C 141 3.36 4.70 4.87
C ARG C 141 2.45 5.51 3.96
N GLU C 142 1.51 4.85 3.30
CA GLU C 142 0.44 5.57 2.67
C GLU C 142 -0.29 6.32 3.78
N VAL C 143 -0.92 7.43 3.42
CA VAL C 143 -1.43 8.35 4.43
C VAL C 143 -2.46 7.72 5.41
N SER C 144 -3.11 6.66 4.97
CA SER C 144 -4.12 6.02 5.79
C SER C 144 -3.45 5.21 6.88
N GLU C 145 -2.15 4.99 6.74
CA GLU C 145 -1.44 4.07 7.60
C GLU C 145 -0.39 4.78 8.44
N THR C 146 -0.36 6.10 8.34
CA THR C 146 0.44 6.92 9.23
C THR C 146 -0.19 6.84 10.61
N PRO C 147 0.52 6.20 11.56
CA PRO C 147 -0.01 5.88 12.88
C PRO C 147 -0.63 7.08 13.57
N ARG C 148 -1.84 6.91 14.13
CA ARG C 148 -2.53 8.03 14.75
C ARG C 148 -1.86 8.48 16.03
N ASP C 149 -1.00 7.63 16.59
CA ASP C 149 -0.33 7.93 17.85
C ASP C 149 1.16 8.27 17.68
N LEU C 150 1.45 9.22 16.78
CA LEU C 150 2.84 9.63 16.56
C LEU C 150 3.19 10.95 17.25
N THR C 151 4.41 11.02 17.77
CA THR C 151 4.94 12.30 18.20
C THR C 151 5.48 12.99 16.96
N ILE C 152 4.61 13.69 16.26
CA ILE C 152 5.01 14.39 15.05
C ILE C 152 5.84 15.62 15.42
N SER C 153 7.15 15.42 15.49
CA SER C 153 8.06 16.48 15.91
C SER C 153 8.21 17.55 14.86
N LYS C 154 8.07 17.15 13.60
CA LYS C 154 8.39 18.06 12.51
C LYS C 154 7.90 17.56 11.14
N ALA C 155 7.08 18.37 10.48
CA ALA C 155 6.68 18.10 9.11
C ALA C 155 7.56 18.96 8.22
N PHE C 157 8.03 20.10 3.91
CA PHE C 157 7.94 20.03 2.45
C PHE C 157 9.34 19.91 1.86
N VAL C 158 9.58 18.79 1.19
CA VAL C 158 10.91 18.49 0.67
C VAL C 158 10.83 18.31 -0.85
N ASP C 159 11.48 19.19 -1.61
CA ASP C 159 11.49 19.05 -3.07
C ASP C 159 12.60 19.85 -3.73
N TYR C 160 12.59 19.86 -5.06
CA TYR C 160 13.55 20.62 -5.86
C TYR C 160 13.32 22.12 -5.67
N PRO C 161 14.42 22.87 -5.53
CA PRO C 161 14.39 24.30 -5.16
C PRO C 161 13.28 25.12 -5.82
N GLN C 162 12.91 24.85 -7.07
CA GLN C 162 11.82 25.62 -7.68
C GLN C 162 10.45 25.15 -7.19
N VAL C 163 10.33 23.87 -6.90
CA VAL C 163 9.12 23.36 -6.26
C VAL C 163 9.00 24.00 -4.89
N ILE C 164 10.10 24.00 -4.13
CA ILE C 164 10.13 24.65 -2.82
C ILE C 164 9.78 26.12 -2.97
N GLU C 165 10.34 26.78 -3.97
CA GLU C 165 9.99 28.16 -4.27
C GLU C 165 8.50 28.32 -4.52
N GLN C 166 7.88 27.27 -5.05
CA GLN C 166 6.45 27.34 -5.34
C GLN C 166 5.62 27.14 -4.07
N VAL C 167 6.09 26.26 -3.19
CA VAL C 167 5.44 26.05 -1.89
C VAL C 167 5.45 27.37 -1.11
N LYS C 168 6.67 27.88 -0.91
CA LYS C 168 6.95 29.19 -0.33
C LYS C 168 5.95 30.24 -0.80
N ALA C 169 5.79 30.33 -2.10
CA ALA C 169 4.92 31.33 -2.69
C ALA C 169 3.43 31.09 -2.41
N ASN C 170 3.03 29.82 -2.37
CA ASN C 170 1.62 29.48 -2.27
C ASN C 170 1.16 29.17 -0.85
N PRO C 172 -0.41 28.76 2.41
CA PRO C 172 -1.66 29.36 2.89
C PRO C 172 -1.41 30.24 4.10
N GLN C 173 -2.16 31.32 4.22
CA GLN C 173 -2.07 32.18 5.40
C GLN C 173 -2.30 31.35 6.65
N ASP C 174 -3.32 30.49 6.59
CA ASP C 174 -3.72 29.68 7.74
C ASP C 174 -2.61 28.80 8.29
N PHE C 175 -1.69 28.36 7.43
CA PHE C 175 -0.54 27.59 7.91
C PHE C 175 0.49 28.49 8.60
N LYS C 176 0.71 29.66 8.04
CA LYS C 176 1.62 30.62 8.64
C LYS C 176 1.13 31.00 10.04
N ASP C 177 -0.19 31.04 10.20
CA ASP C 177 -0.80 31.42 11.47
C ASP C 177 -0.76 30.31 12.49
N ARG C 178 -0.86 29.06 12.04
CA ARG C 178 -0.95 27.94 12.94
C ARG C 178 0.42 27.40 13.35
N PHE C 179 1.39 27.53 12.48
CA PHE C 179 2.65 26.84 12.70
C PHE C 179 3.87 27.75 12.61
N SER C 180 5.02 27.18 12.94
CA SER C 180 6.30 27.82 12.72
C SER C 180 6.82 27.33 11.37
N VAL C 181 6.69 28.15 10.33
CA VAL C 181 7.09 27.74 8.98
C VAL C 181 8.39 28.41 8.55
N VAL C 182 9.42 27.61 8.30
CA VAL C 182 10.75 28.15 8.08
C VAL C 182 11.50 27.44 6.95
N GLN C 183 12.17 28.20 6.10
CA GLN C 183 12.98 27.61 5.03
C GLN C 183 14.42 27.40 5.45
N SER C 184 14.75 26.17 5.82
CA SER C 184 16.06 25.85 6.38
C SER C 184 17.07 25.46 5.32
N ALA C 185 16.69 25.65 4.06
CA ALA C 185 17.50 25.22 2.93
C ALA C 185 16.71 25.51 1.66
N PRO C 186 17.40 25.46 0.51
CA PRO C 186 16.69 25.71 -0.75
C PRO C 186 15.59 24.68 -0.95
N TYR C 187 15.86 23.46 -0.50
CA TYR C 187 14.98 22.32 -0.78
C TYR C 187 14.23 21.83 0.47
N PHE C 188 14.39 22.51 1.61
CA PHE C 188 13.58 22.19 2.79
C PHE C 188 12.76 23.37 3.26
N ILE C 189 11.46 23.16 3.39
CA ILE C 189 10.62 24.05 4.18
C ILE C 189 10.10 23.28 5.39
N GLU C 190 10.38 23.80 6.58
CA GLU C 190 10.09 23.08 7.83
C GLU C 190 8.92 23.65 8.63
N VAL C 191 8.12 22.75 9.18
CA VAL C 191 6.93 23.14 9.94
C VAL C 191 6.92 22.53 11.34
N ASN C 193 5.40 23.01 15.81
CA ASN C 193 4.54 23.56 16.84
C ASN C 193 4.88 25.03 17.01
N ARG C 194 3.88 25.89 16.91
CA ARG C 194 4.09 27.33 16.99
C ARG C 194 4.90 27.75 18.22
N ARG C 195 4.94 26.88 19.22
CA ARG C 195 5.63 27.19 20.46
C ARG C 195 6.68 26.12 20.74
N ALA C 196 7.76 26.17 19.99
CA ALA C 196 8.86 25.24 20.18
C ALA C 196 10.14 25.96 19.80
N SER C 197 10.87 26.43 20.82
CA SER C 197 12.15 27.06 20.62
C SER C 197 13.17 26.27 21.40
N LYS C 198 14.45 26.45 21.11
CA LYS C 198 15.49 25.81 21.91
C LYS C 198 15.51 26.45 23.30
N GLY C 199 15.01 27.67 23.39
CA GLY C 199 14.97 28.37 24.65
C GLY C 199 13.90 27.86 25.60
N GLY C 200 12.64 27.96 25.20
CA GLY C 200 11.54 27.53 26.03
C GLY C 200 11.78 26.13 26.52
N THR C 201 12.23 25.27 25.61
CA THR C 201 12.42 23.86 25.90
C THR C 201 13.62 23.61 26.82
N LEU C 202 14.64 24.45 26.71
CA LEU C 202 15.74 24.36 27.64
C LEU C 202 15.22 24.69 29.04
N SER C 203 14.52 25.81 29.13
CA SER C 203 13.89 26.23 30.38
C SER C 203 13.18 25.07 31.07
N GLU C 204 12.31 24.39 30.32
CA GLU C 204 11.53 23.29 30.84
C GLU C 204 12.43 22.18 31.35
N LEU C 205 13.45 21.84 30.56
CA LEU C 205 14.40 20.81 30.95
C LEU C 205 15.13 21.21 32.24
N VAL C 206 15.30 22.51 32.44
CA VAL C 206 15.97 23.02 33.64
C VAL C 206 15.09 22.91 34.90
N ASP C 207 13.86 23.40 34.81
CA ASP C 207 12.89 23.24 35.90
C ASP C 207 12.74 21.77 36.27
N GLN C 208 12.90 20.92 35.27
CA GLN C 208 12.71 19.48 35.42
C GLN C 208 13.92 18.83 36.09
N LEU C 209 15.05 19.52 36.08
CA LEU C 209 16.27 18.98 36.68
C LEU C 209 16.50 19.47 38.10
N GLY C 210 15.60 20.33 38.59
CA GLY C 210 15.75 20.92 39.90
C GLY C 210 16.72 22.09 39.90
N LEU C 211 16.93 22.66 38.72
CA LEU C 211 17.86 23.79 38.58
C LEU C 211 17.12 25.06 38.19
N THR C 212 17.88 26.08 37.80
CA THR C 212 17.30 27.36 37.41
C THR C 212 18.23 28.12 36.47
N ALA C 213 17.70 29.14 35.80
CA ALA C 213 18.47 29.95 34.85
C ALA C 213 19.91 30.22 35.28
N ASP C 214 20.09 30.70 36.51
CA ASP C 214 21.41 31.14 37.00
C ASP C 214 22.39 29.99 37.20
N ASP C 215 22.11 28.85 36.59
CA ASP C 215 23.05 27.73 36.60
C ASP C 215 23.44 27.40 35.16
N VAL C 216 22.87 28.16 34.23
CA VAL C 216 22.86 27.79 32.83
C VAL C 216 23.76 28.66 31.95
N THR C 218 24.51 29.09 28.00
CA THR C 218 24.15 28.72 26.64
C THR C 218 25.11 29.35 25.67
N LEU C 219 25.59 28.55 24.72
CA LEU C 219 26.35 29.05 23.58
C LEU C 219 25.51 28.97 22.32
N GLY C 220 25.34 30.09 21.62
CA GLY C 220 24.54 30.11 20.40
C GLY C 220 25.08 31.05 19.34
N ASP C 221 24.67 30.86 18.09
CA ASP C 221 25.16 31.65 16.98
C ASP C 221 24.07 32.29 16.09
N GLN C 222 22.96 31.58 15.89
CA GLN C 222 21.97 32.00 14.90
C GLN C 222 20.65 32.51 15.47
N GLY C 223 19.70 32.78 14.58
CA GLY C 223 18.41 33.32 14.95
C GLY C 223 17.68 32.59 16.06
N ASN C 224 17.33 31.34 15.81
CA ASN C 224 16.62 30.53 16.81
C ASN C 224 17.32 30.42 18.15
N ASP C 225 18.62 30.70 18.17
CA ASP C 225 19.41 30.65 19.39
C ASP C 225 19.06 31.81 20.34
N LEU C 226 18.51 32.88 19.79
CA LEU C 226 18.27 34.10 20.57
C LEU C 226 17.70 33.81 21.96
N THR C 227 16.47 33.27 22.01
CA THR C 227 15.81 33.02 23.29
C THR C 227 16.63 32.09 24.18
N ILE C 229 19.93 32.29 24.45
CA ILE C 229 20.97 33.13 25.03
C ILE C 229 20.43 34.06 26.10
N LYS C 230 19.27 34.67 25.86
CA LYS C 230 18.65 35.52 26.86
C LYS C 230 18.42 34.76 28.16
N TYR C 231 17.47 33.83 28.13
CA TYR C 231 17.16 32.97 29.26
C TYR C 231 18.39 32.64 30.11
N ALA C 232 19.43 32.15 29.45
CA ALA C 232 20.59 31.53 30.11
C ALA C 232 21.08 32.17 31.42
N GLY C 233 21.22 33.48 31.45
CA GLY C 233 21.93 34.09 32.56
C GLY C 233 23.36 33.55 32.50
N LEU C 234 24.17 34.19 31.68
CA LEU C 234 25.46 33.69 31.21
C LEU C 234 25.28 32.97 29.89
N GLY C 235 24.56 33.61 28.99
CA GLY C 235 24.52 33.18 27.60
C GLY C 235 25.70 33.82 26.91
N VAL C 236 26.57 32.98 26.38
CA VAL C 236 27.75 33.46 25.67
C VAL C 236 27.55 33.31 24.16
N ALA C 237 27.53 34.44 23.45
CA ALA C 237 27.39 34.41 21.99
C ALA C 237 28.68 33.97 21.31
N GLY C 239 31.55 33.99 18.15
CA GLY C 239 32.23 34.99 17.35
C GLY C 239 31.60 35.21 15.99
N ASN C 240 30.92 34.19 15.48
CA ASN C 240 30.28 34.24 14.17
C ASN C 240 28.80 34.55 14.27
N ALA C 241 28.34 34.82 15.49
CA ALA C 241 26.94 35.12 15.73
C ALA C 241 26.52 36.40 15.01
N ILE C 242 25.25 36.48 14.65
CA ILE C 242 24.72 37.70 14.04
C ILE C 242 24.59 38.81 15.07
N ASP C 243 24.41 40.03 14.58
CA ASP C 243 24.47 41.23 15.42
C ASP C 243 23.45 41.25 16.56
N GLU C 244 22.26 40.70 16.35
CA GLU C 244 21.23 40.75 17.38
C GLU C 244 21.48 39.75 18.49
N VAL C 245 22.30 38.74 18.20
CA VAL C 245 22.64 37.73 19.20
C VAL C 245 23.63 38.29 20.22
N LYS C 246 24.63 39.01 19.73
CA LYS C 246 25.67 39.55 20.58
C LYS C 246 25.14 40.62 21.51
N GLU C 247 24.12 41.35 21.06
CA GLU C 247 23.47 42.36 21.90
C GLU C 247 22.92 41.72 23.16
N ALA C 248 22.22 40.60 22.98
CA ALA C 248 21.51 39.93 24.07
C ALA C 248 22.46 39.14 24.95
N ALA C 249 23.58 38.72 24.39
CA ALA C 249 24.54 37.90 25.13
C ALA C 249 25.11 38.63 26.36
N GLN C 250 25.61 37.85 27.31
CA GLN C 250 26.22 38.42 28.51
C GLN C 250 27.73 38.54 28.33
N ALA C 251 28.30 37.62 27.56
CA ALA C 251 29.69 37.70 27.15
C ALA C 251 29.74 37.36 25.68
N VAL C 252 30.93 37.37 25.10
CA VAL C 252 31.12 36.88 23.73
C VAL C 252 32.41 36.06 23.68
N THR C 253 32.54 35.24 22.65
CA THR C 253 33.65 34.29 22.59
C THR C 253 34.23 34.16 21.18
N LEU C 254 35.32 33.42 21.07
CA LEU C 254 35.98 33.20 19.78
C LEU C 254 35.03 32.54 18.81
N THR C 255 35.33 32.67 17.52
CA THR C 255 34.46 32.14 16.48
C THR C 255 34.60 30.62 16.35
N ASN C 256 33.59 29.97 15.75
CA ASN C 256 33.58 28.51 15.69
C ASN C 256 34.79 27.93 14.95
N ALA C 257 35.53 28.79 14.28
CA ALA C 257 36.77 28.38 13.64
C ALA C 257 37.90 28.46 14.66
N GLU C 258 37.80 29.45 15.55
CA GLU C 258 38.81 29.63 16.60
C GLU C 258 38.48 28.81 17.85
N ASN C 259 37.54 27.89 17.72
CA ASN C 259 37.15 27.02 18.83
C ASN C 259 36.63 27.82 20.02
N GLY C 260 35.90 28.89 19.74
CA GLY C 260 35.35 29.73 20.78
C GLY C 260 34.66 28.95 21.88
N VAL C 261 34.06 27.82 21.51
CA VAL C 261 33.31 26.98 22.45
C VAL C 261 34.20 26.39 23.55
N ALA C 262 35.32 25.81 23.15
CA ALA C 262 36.28 25.27 24.10
C ALA C 262 36.85 26.40 24.97
N ALA C 263 36.89 27.60 24.40
CA ALA C 263 37.48 28.75 25.07
C ALA C 263 36.49 29.49 25.97
N ALA C 264 35.20 29.30 25.72
CA ALA C 264 34.18 29.91 26.58
C ALA C 264 33.93 29.03 27.80
N ILE C 265 33.89 27.72 27.58
CA ILE C 265 33.79 26.77 28.67
C ILE C 265 34.94 27.00 29.64
N ARG C 266 36.17 26.83 29.15
CA ARG C 266 37.36 26.99 29.96
C ARG C 266 37.33 28.31 30.74
N LYS C 267 36.93 29.38 30.07
CA LYS C 267 36.90 30.69 30.70
C LYS C 267 35.88 30.77 31.83
N TYR C 268 34.62 30.53 31.51
CA TYR C 268 33.51 30.86 32.41
C TYR C 268 33.03 29.71 33.31
N ALA C 269 33.57 28.51 33.12
CA ALA C 269 33.04 27.34 33.82
C ALA C 269 34.03 26.59 34.71
N LEU C 270 35.32 26.87 34.57
CA LEU C 270 36.35 26.12 35.30
C LEU C 270 37.33 27.03 36.03
N THR D 4 -46.72 17.48 -29.71
CA THR D 4 -45.82 16.49 -30.28
C THR D 4 -44.57 16.30 -29.41
N ILE D 5 -44.29 15.04 -29.07
CA ILE D 5 -43.17 14.71 -28.21
C ILE D 5 -42.05 14.08 -29.02
N LYS D 6 -40.82 14.51 -28.75
CA LYS D 6 -39.65 13.97 -29.43
C LYS D 6 -38.77 13.13 -28.49
N LEU D 7 -38.71 13.56 -27.24
CA LEU D 7 -37.87 12.91 -26.23
C LEU D 7 -38.60 12.83 -24.90
N ILE D 8 -38.58 11.65 -24.28
CA ILE D 8 -39.21 11.46 -22.98
C ILE D 8 -38.20 11.03 -21.91
N ALA D 9 -37.96 11.92 -20.95
CA ALA D 9 -37.10 11.62 -19.81
C ALA D 9 -37.86 10.88 -18.71
N ILE D 10 -37.23 9.88 -18.11
CA ILE D 10 -37.89 9.10 -17.07
C ILE D 10 -37.00 8.86 -15.84
N ASP D 11 -37.57 9.02 -14.65
CA ASP D 11 -36.85 8.67 -13.42
C ASP D 11 -36.90 7.15 -13.22
N ILE D 12 -36.09 6.63 -12.30
CA ILE D 12 -36.01 5.18 -12.11
C ILE D 12 -36.72 4.68 -10.86
N ASP D 13 -36.63 5.44 -9.78
CA ASP D 13 -37.29 5.09 -8.53
C ASP D 13 -38.71 5.66 -8.47
N GLY D 14 -39.69 4.76 -8.36
CA GLY D 14 -41.07 5.15 -8.19
C GLY D 14 -41.69 5.77 -9.43
N THR D 15 -41.04 5.55 -10.57
CA THR D 15 -41.58 6.01 -11.84
C THR D 15 -41.53 4.87 -12.87
N LEU D 16 -40.33 4.40 -13.17
CA LEU D 16 -40.15 3.30 -14.10
C LEU D 16 -40.26 1.97 -13.37
N GLN D 25 -43.64 -5.15 -18.22
CA GLN D 25 -43.76 -5.45 -19.64
C GLN D 25 -44.49 -4.34 -20.38
N ALA D 26 -45.67 -3.98 -19.88
CA ALA D 26 -46.42 -2.85 -20.41
C ALA D 26 -45.60 -1.57 -20.25
N THR D 27 -44.40 -1.73 -19.70
CA THR D 27 -43.44 -0.64 -19.64
C THR D 27 -42.30 -0.87 -20.64
N ILE D 28 -41.84 -2.11 -20.76
CA ILE D 28 -40.92 -2.47 -21.83
C ILE D 28 -41.52 -2.10 -23.18
N ASP D 29 -42.81 -2.38 -23.32
CA ASP D 29 -43.51 -2.26 -24.59
C ASP D 29 -43.86 -0.81 -24.92
N ALA D 30 -44.48 -0.11 -23.96
CA ALA D 30 -44.90 1.28 -24.17
C ALA D 30 -43.71 2.18 -24.52
N VAL D 31 -42.51 1.76 -24.16
CA VAL D 31 -41.28 2.47 -24.51
C VAL D 31 -40.74 2.07 -25.88
N GLN D 32 -40.89 0.80 -26.24
CA GLN D 32 -40.42 0.33 -27.53
C GLN D 32 -41.30 0.83 -28.69
N ALA D 33 -42.47 1.36 -28.34
CA ALA D 33 -43.35 1.97 -29.32
C ALA D 33 -42.88 3.40 -29.56
N ALA D 34 -42.56 4.10 -28.48
CA ALA D 34 -42.04 5.45 -28.59
C ALA D 34 -40.71 5.46 -29.33
N LYS D 35 -39.91 4.41 -29.17
CA LYS D 35 -38.65 4.32 -29.89
C LYS D 35 -38.95 4.11 -31.37
N ALA D 36 -39.97 3.30 -31.65
CA ALA D 36 -40.42 3.07 -33.03
C ALA D 36 -40.89 4.37 -33.71
N GLN D 37 -41.50 5.26 -32.94
CA GLN D 37 -41.88 6.58 -33.44
C GLN D 37 -40.63 7.44 -33.60
N GLY D 38 -39.47 6.85 -33.35
CA GLY D 38 -38.21 7.54 -33.52
C GLY D 38 -37.89 8.46 -32.37
N ILE D 39 -38.60 8.27 -31.26
CA ILE D 39 -38.40 9.09 -30.07
C ILE D 39 -37.17 8.63 -29.28
N LYS D 40 -36.53 9.60 -28.63
CA LYS D 40 -35.43 9.30 -27.74
C LYS D 40 -35.99 9.10 -26.32
N VAL D 41 -35.81 7.90 -25.78
CA VAL D 41 -36.21 7.59 -24.41
C VAL D 41 -35.00 7.62 -23.47
N VAL D 42 -34.89 8.65 -22.65
CA VAL D 42 -33.71 8.77 -21.81
C VAL D 42 -33.96 8.53 -20.30
N LEU D 43 -33.40 7.41 -19.82
CA LEU D 43 -33.46 7.09 -18.41
C LEU D 43 -32.65 8.08 -17.62
N CYS D 44 -33.20 8.55 -16.50
CA CYS D 44 -32.45 9.40 -15.58
C CYS D 44 -32.32 8.66 -14.27
N THR D 45 -31.14 8.76 -13.66
CA THR D 45 -30.83 7.91 -12.51
C THR D 45 -29.75 8.54 -11.65
N GLY D 46 -29.63 8.08 -10.42
CA GLY D 46 -28.56 8.52 -9.53
C GLY D 46 -27.41 7.54 -9.51
N ARG D 47 -27.65 6.38 -10.11
CA ARG D 47 -26.63 5.35 -10.26
C ARG D 47 -25.79 5.63 -11.50
N PRO D 48 -24.69 4.85 -11.70
CA PRO D 48 -23.99 4.97 -12.98
C PRO D 48 -24.77 4.24 -14.07
N LEU D 49 -24.31 4.33 -15.31
CA LEU D 49 -24.98 3.63 -16.39
C LEU D 49 -25.08 2.14 -16.08
N THR D 50 -23.99 1.57 -15.57
CA THR D 50 -23.95 0.17 -15.23
C THR D 50 -25.11 -0.21 -14.32
N GLY D 51 -25.71 0.80 -13.67
CA GLY D 51 -26.81 0.56 -12.76
C GLY D 51 -28.16 0.36 -13.44
N VAL D 52 -28.30 0.84 -14.67
CA VAL D 52 -29.54 0.68 -15.40
C VAL D 52 -29.36 -0.12 -16.69
N GLN D 53 -28.13 -0.55 -16.96
CA GLN D 53 -27.85 -1.34 -18.16
C GLN D 53 -28.82 -2.51 -18.36
N PRO D 54 -29.13 -3.26 -17.29
CA PRO D 54 -30.04 -4.40 -17.43
C PRO D 54 -31.41 -4.00 -17.97
N TYR D 55 -31.89 -2.81 -17.59
CA TYR D 55 -33.15 -2.32 -18.12
C TYR D 55 -33.01 -1.94 -19.59
N LEU D 56 -31.99 -1.14 -19.90
CA LEU D 56 -31.73 -0.69 -21.28
C LEU D 56 -31.65 -1.87 -22.25
N ASP D 57 -30.83 -2.85 -21.90
CA ASP D 57 -30.70 -4.07 -22.71
C ASP D 57 -32.07 -4.65 -23.01
N ALA D 58 -32.96 -4.59 -22.02
CA ALA D 58 -34.32 -5.11 -22.16
C ALA D 58 -35.16 -4.28 -23.13
N ASP D 60 -33.87 -2.48 -25.30
CA ASP D 60 -32.99 -2.33 -26.46
C ASP D 60 -32.58 -0.89 -26.77
N ILE D 61 -32.45 -0.06 -25.74
CA ILE D 61 -31.97 1.30 -25.90
C ILE D 61 -30.45 1.34 -25.84
N ASP D 62 -29.83 1.83 -26.91
CA ASP D 62 -28.37 1.78 -27.00
C ASP D 62 -27.82 2.55 -28.20
N GLY D 63 -26.49 2.57 -28.30
CA GLY D 63 -25.82 3.18 -29.44
C GLY D 63 -25.50 4.65 -29.23
N ASP D 64 -25.05 5.31 -30.29
CA ASP D 64 -24.69 6.72 -30.21
C ASP D 64 -25.90 7.60 -30.47
N ASP D 65 -27.02 6.96 -30.74
CA ASP D 65 -28.23 7.69 -31.06
C ASP D 65 -29.11 7.81 -29.82
N GLN D 66 -28.93 6.90 -28.85
CA GLN D 66 -29.76 6.92 -27.65
C GLN D 66 -29.01 7.52 -26.45
N TYR D 67 -29.74 7.95 -25.43
CA TYR D 67 -29.14 8.74 -24.34
C TYR D 67 -29.59 8.41 -22.92
N ALA D 68 -28.74 8.76 -21.96
CA ALA D 68 -29.02 8.53 -20.54
C ALA D 68 -28.49 9.68 -19.71
N ILE D 69 -29.17 9.97 -18.59
CA ILE D 69 -28.64 10.92 -17.61
C ILE D 69 -28.28 10.11 -16.38
N THR D 70 -27.03 10.15 -15.98
CA THR D 70 -26.57 9.36 -14.85
C THR D 70 -26.13 10.25 -13.68
N PHE D 71 -25.87 9.62 -12.54
CA PHE D 71 -25.43 10.33 -11.34
C PHE D 71 -26.26 11.58 -11.07
N ASN D 72 -27.59 11.44 -11.02
CA ASN D 72 -28.49 12.57 -10.80
C ASN D 72 -28.16 13.87 -11.56
N GLY D 73 -27.98 13.75 -12.87
CA GLY D 73 -27.76 14.90 -13.73
C GLY D 73 -26.33 15.37 -13.80
N SER D 74 -25.42 14.62 -13.19
CA SER D 74 -24.01 14.98 -13.18
C SER D 74 -23.32 14.62 -14.49
N VAL D 75 -23.87 13.63 -15.19
CA VAL D 75 -23.37 13.22 -16.49
C VAL D 75 -24.52 13.04 -17.48
N ALA D 76 -24.32 13.46 -18.72
CA ALA D 76 -25.24 13.10 -19.80
C ALA D 76 -24.43 12.36 -20.84
N GLN D 77 -24.93 11.22 -21.31
CA GLN D 77 -24.12 10.39 -22.18
C GLN D 77 -24.93 9.56 -23.14
N THR D 78 -24.30 9.19 -24.23
CA THR D 78 -24.87 8.22 -25.15
C THR D 78 -24.79 6.91 -24.40
N ILE D 79 -25.69 5.99 -24.72
CA ILE D 79 -25.67 4.70 -24.05
C ILE D 79 -24.30 4.04 -24.27
N SER D 80 -23.66 4.42 -25.37
CA SER D 80 -22.37 3.84 -25.75
C SER D 80 -21.18 4.36 -24.93
N GLY D 81 -21.38 5.47 -24.20
CA GLY D 81 -20.35 5.96 -23.30
C GLY D 81 -19.79 7.36 -23.52
N LYS D 82 -19.96 7.91 -24.72
CA LYS D 82 -19.47 9.26 -24.96
C LYS D 82 -20.17 10.29 -24.06
N VAL D 83 -19.41 10.87 -23.14
CA VAL D 83 -19.95 11.94 -22.30
C VAL D 83 -20.31 13.19 -23.10
N LEU D 84 -21.51 13.70 -22.90
CA LEU D 84 -21.98 14.87 -23.63
C LEU D 84 -21.91 16.14 -22.80
N THR D 85 -22.36 16.07 -21.56
CA THR D 85 -22.15 17.16 -20.61
C THR D 85 -21.74 16.57 -19.28
N ASN D 86 -20.95 17.31 -18.52
CA ASN D 86 -20.60 16.84 -17.18
C ASN D 86 -20.18 17.92 -16.19
N HIS D 87 -20.79 17.85 -15.01
CA HIS D 87 -20.46 18.72 -13.91
C HIS D 87 -19.80 17.86 -12.84
N SER D 88 -18.47 17.85 -12.84
CA SER D 88 -17.70 16.95 -12.01
C SER D 88 -17.22 17.69 -10.78
N LEU D 89 -16.61 16.96 -9.87
CA LEU D 89 -15.86 17.57 -8.78
C LEU D 89 -14.40 17.66 -9.21
N THR D 90 -13.75 18.77 -8.94
CA THR D 90 -12.35 18.94 -9.26
C THR D 90 -11.50 17.99 -8.41
N TYR D 91 -10.28 17.73 -8.82
CA TYR D 91 -9.40 16.88 -8.04
C TYR D 91 -9.14 17.50 -6.67
N GLU D 92 -8.92 18.81 -6.64
CA GLU D 92 -8.73 19.54 -5.40
C GLU D 92 -9.96 19.41 -4.50
N ASP D 93 -11.12 19.26 -5.12
CA ASP D 93 -12.34 19.00 -4.36
C ASP D 93 -12.20 17.66 -3.64
N TYR D 94 -11.86 16.62 -4.39
CA TYR D 94 -11.70 15.28 -3.85
C TYR D 94 -10.69 15.24 -2.71
N ILE D 95 -9.56 15.91 -2.90
CA ILE D 95 -8.54 15.94 -1.87
C ILE D 95 -9.14 16.47 -0.58
N ASP D 96 -9.87 17.58 -0.69
CA ASP D 96 -10.57 18.20 0.42
C ASP D 96 -11.54 17.23 1.11
N LEU D 97 -12.43 16.66 0.33
CA LEU D 97 -13.39 15.71 0.89
C LEU D 97 -12.68 14.53 1.56
N GLU D 98 -11.80 13.87 0.83
CA GLU D 98 -11.14 12.67 1.35
C GLU D 98 -10.40 12.98 2.64
N ALA D 99 -9.70 14.11 2.66
CA ALA D 99 -8.97 14.51 3.85
C ALA D 99 -9.89 14.62 5.06
N TRP D 100 -11.10 15.12 4.85
CA TRP D 100 -12.05 15.28 5.96
C TRP D 100 -12.56 13.93 6.43
N ALA D 101 -12.90 13.07 5.46
CA ALA D 101 -13.37 11.74 5.78
C ALA D 101 -12.45 11.06 6.79
N ARG D 102 -11.16 11.33 6.68
CA ARG D 102 -10.17 10.71 7.55
C ARG D 102 -10.10 11.41 8.90
N LYS D 103 -10.44 12.69 8.91
CA LYS D 103 -10.52 13.40 10.17
C LYS D 103 -11.66 12.84 11.02
N VAL D 104 -12.84 12.75 10.43
CA VAL D 104 -14.04 12.31 11.11
C VAL D 104 -14.10 10.79 11.24
N ARG D 105 -13.18 10.08 10.60
CA ARG D 105 -13.12 8.61 10.65
C ARG D 105 -14.34 7.91 10.04
N ALA D 106 -14.69 8.28 8.80
CA ALA D 106 -15.78 7.62 8.08
C ALA D 106 -15.28 7.20 6.71
N HIS D 107 -15.72 6.04 6.25
CA HIS D 107 -15.24 5.53 4.96
C HIS D 107 -15.62 6.43 3.79
N PHE D 108 -14.83 6.36 2.71
CA PHE D 108 -14.99 7.29 1.60
C PHE D 108 -14.69 6.64 0.27
N GLN D 109 -15.57 6.89 -0.70
CA GLN D 109 -15.45 6.32 -2.02
C GLN D 109 -15.96 7.35 -3.01
N ILE D 110 -15.40 7.34 -4.22
CA ILE D 110 -15.93 8.12 -5.33
C ILE D 110 -16.27 7.21 -6.49
N GLU D 111 -17.21 7.67 -7.30
CA GLU D 111 -17.55 6.95 -8.52
C GLU D 111 -17.24 7.75 -9.77
N THR D 112 -16.65 7.10 -10.76
CA THR D 112 -16.50 7.68 -12.10
C THR D 112 -17.45 6.95 -13.03
N PRO D 113 -17.45 7.29 -14.31
CA PRO D 113 -18.34 6.47 -15.14
C PRO D 113 -17.81 5.05 -15.33
N ASP D 114 -16.67 4.72 -14.71
CA ASP D 114 -16.02 3.45 -14.96
C ASP D 114 -15.83 2.57 -13.73
N TYR D 115 -15.57 3.20 -12.58
CA TYR D 115 -15.21 2.46 -11.39
C TYR D 115 -15.61 3.22 -10.14
N ILE D 116 -15.78 2.47 -9.04
CA ILE D 116 -15.77 3.05 -7.70
C ILE D 116 -14.31 3.12 -7.28
N TYR D 117 -13.88 4.26 -6.78
CA TYR D 117 -12.57 4.31 -6.15
C TYR D 117 -12.70 4.51 -4.65
N THR D 118 -11.93 3.76 -3.88
CA THR D 118 -11.82 4.04 -2.46
C THR D 118 -10.39 3.87 -2.02
N ALA D 119 -10.00 4.64 -1.01
CA ALA D 119 -8.67 4.54 -0.40
C ALA D 119 -8.74 3.83 0.96
N ASN D 120 -9.93 3.31 1.29
CA ASN D 120 -10.08 2.56 2.51
C ASN D 120 -9.54 1.12 2.39
N LYS D 121 -8.50 0.79 3.17
CA LYS D 121 -7.93 -0.56 3.14
C LYS D 121 -8.86 -1.52 3.84
N ASP D 122 -9.66 -1.00 4.75
CA ASP D 122 -10.75 -1.75 5.33
C ASP D 122 -12.03 -1.30 4.61
N ILE D 123 -12.40 -2.03 3.57
CA ILE D 123 -13.46 -1.58 2.68
C ILE D 123 -14.81 -1.65 3.39
N SER D 124 -15.56 -0.57 3.30
CA SER D 124 -16.87 -0.50 3.95
C SER D 124 -17.81 -1.54 3.38
N ALA D 125 -18.49 -2.26 4.27
CA ALA D 125 -19.54 -3.18 3.83
C ALA D 125 -20.46 -2.48 2.85
N TYR D 126 -20.67 -1.20 3.08
CA TYR D 126 -21.60 -0.44 2.26
C TYR D 126 -21.04 -0.09 0.88
N THR D 127 -19.71 -0.12 0.77
CA THR D 127 -19.05 -0.02 -0.53
C THR D 127 -19.15 -1.35 -1.28
N ILE D 128 -18.92 -2.45 -0.57
CA ILE D 128 -19.13 -3.77 -1.17
C ILE D 128 -20.58 -3.91 -1.65
N ALA D 129 -21.51 -3.40 -0.86
CA ALA D 129 -22.91 -3.46 -1.23
C ALA D 129 -23.21 -2.65 -2.49
N GLU D 130 -22.73 -1.41 -2.54
CA GLU D 130 -22.97 -0.56 -3.69
C GLU D 130 -22.36 -1.14 -4.98
N SER D 131 -21.13 -1.65 -4.87
CA SER D 131 -20.48 -2.29 -6.01
C SER D 131 -21.38 -3.38 -6.59
N TYR D 132 -22.04 -4.14 -5.71
CA TYR D 132 -22.81 -5.31 -6.11
C TYR D 132 -24.14 -4.96 -6.73
N LEU D 133 -24.86 -4.04 -6.11
CA LEU D 133 -26.18 -3.67 -6.60
C LEU D 133 -26.07 -2.81 -7.84
N VAL D 134 -25.21 -1.80 -7.75
CA VAL D 134 -25.00 -0.85 -8.84
C VAL D 134 -24.20 -1.47 -9.99
N ARG D 135 -23.59 -2.62 -9.75
CA ARG D 135 -22.88 -3.34 -10.81
C ARG D 135 -21.65 -2.60 -11.32
N LEU D 137 -17.24 -2.35 -10.71
CA LEU D 137 -16.03 -2.85 -10.08
C LEU D 137 -15.43 -1.81 -9.16
N ILE D 138 -14.85 -2.26 -8.05
CA ILE D 138 -14.11 -1.38 -7.16
C ILE D 138 -12.60 -1.43 -7.45
N GLN D 139 -12.01 -0.27 -7.62
CA GLN D 139 -10.56 -0.19 -7.63
C GLN D 139 -10.13 0.44 -6.29
N TYR D 140 -9.26 -0.26 -5.56
CA TYR D 140 -8.66 0.29 -4.36
C TYR D 140 -7.43 1.12 -4.72
N ARG D 141 -7.46 2.40 -4.41
CA ARG D 141 -6.29 3.24 -4.65
C ARG D 141 -5.96 4.02 -3.40
N GLU D 142 -4.73 3.88 -2.91
CA GLU D 142 -4.24 4.75 -1.86
C GLU D 142 -4.36 6.18 -2.40
N VAL D 143 -4.75 7.11 -1.54
CA VAL D 143 -5.19 8.43 -1.98
C VAL D 143 -4.18 9.13 -2.91
N SER D 144 -2.93 8.67 -2.86
CA SER D 144 -1.86 9.25 -3.67
C SER D 144 -1.86 8.72 -5.10
N GLU D 145 -2.78 7.82 -5.38
CA GLU D 145 -2.75 7.07 -6.63
C GLU D 145 -4.09 7.12 -7.33
N THR D 146 -5.01 7.87 -6.75
CA THR D 146 -6.27 8.17 -7.42
C THR D 146 -5.91 9.02 -8.63
N PRO D 147 -6.17 8.50 -9.85
CA PRO D 147 -5.71 9.18 -11.06
C PRO D 147 -6.18 10.62 -11.11
N ARG D 148 -5.28 11.51 -11.57
CA ARG D 148 -5.59 12.93 -11.58
C ARG D 148 -6.53 13.33 -12.71
N ASP D 149 -6.75 12.41 -13.65
CA ASP D 149 -7.58 12.68 -14.82
C ASP D 149 -8.93 11.96 -14.75
N LEU D 150 -9.28 11.47 -13.57
CA LEU D 150 -10.58 10.84 -13.35
C LEU D 150 -11.74 11.79 -13.63
N THR D 151 -12.84 11.26 -14.14
CA THR D 151 -14.06 12.04 -14.19
C THR D 151 -14.86 11.74 -12.93
N ILE D 152 -14.76 12.65 -11.96
CA ILE D 152 -15.37 12.42 -10.65
C ILE D 152 -16.82 12.89 -10.62
N SER D 153 -17.73 11.95 -10.80
CA SER D 153 -19.14 12.25 -10.91
C SER D 153 -19.81 12.29 -9.55
N LYS D 154 -19.24 11.58 -8.59
CA LYS D 154 -19.88 11.43 -7.29
C LYS D 154 -18.87 11.12 -6.19
N ALA D 155 -18.99 11.82 -5.07
CA ALA D 155 -18.23 11.48 -3.87
C ALA D 155 -19.22 11.10 -2.80
N PHE D 157 -19.74 9.84 1.42
CA PHE D 157 -19.44 9.35 2.75
C PHE D 157 -20.33 8.14 2.94
N VAL D 158 -19.70 6.98 3.05
CA VAL D 158 -20.40 5.72 3.08
C VAL D 158 -20.00 4.97 4.35
N ASP D 159 -20.98 4.71 5.22
CA ASP D 159 -20.66 4.04 6.49
C ASP D 159 -21.89 3.53 7.24
N TYR D 160 -21.66 2.97 8.42
CA TYR D 160 -22.74 2.53 9.29
C TYR D 160 -23.56 3.75 9.68
N PRO D 161 -24.88 3.59 9.74
CA PRO D 161 -25.79 4.70 10.06
C PRO D 161 -25.36 5.51 11.28
N GLN D 162 -24.78 4.86 12.29
CA GLN D 162 -24.37 5.55 13.51
C GLN D 162 -23.16 6.45 13.29
N VAL D 163 -22.38 6.15 12.25
CA VAL D 163 -21.23 6.98 11.90
C VAL D 163 -21.67 8.11 11.00
N ILE D 164 -22.63 7.81 10.14
CA ILE D 164 -23.16 8.82 9.25
C ILE D 164 -23.83 9.92 10.07
N GLU D 165 -24.55 9.52 11.12
CA GLU D 165 -25.19 10.49 11.99
C GLU D 165 -24.15 11.48 12.47
N GLN D 166 -22.93 10.97 12.65
CA GLN D 166 -21.83 11.77 13.15
C GLN D 166 -21.29 12.66 12.06
N VAL D 167 -21.29 12.15 10.84
CA VAL D 167 -20.87 12.91 9.69
C VAL D 167 -21.86 14.04 9.43
N LYS D 168 -23.16 13.71 9.37
CA LYS D 168 -24.21 14.70 9.20
C LYS D 168 -24.06 15.89 10.14
N ALA D 169 -23.86 15.60 11.42
CA ALA D 169 -23.74 16.65 12.43
C ALA D 169 -22.51 17.53 12.23
N ASN D 170 -21.36 16.93 11.97
CA ASN D 170 -20.10 17.68 11.87
C ASN D 170 -19.75 18.14 10.46
N PRO D 172 -18.97 20.22 7.58
CA PRO D 172 -18.45 21.59 7.44
C PRO D 172 -19.34 22.50 6.62
N GLN D 173 -19.47 23.75 7.04
CA GLN D 173 -20.27 24.71 6.30
C GLN D 173 -19.67 24.93 4.93
N ASP D 174 -18.34 24.93 4.87
CA ASP D 174 -17.62 25.03 3.60
C ASP D 174 -18.20 24.09 2.55
N PHE D 175 -18.24 22.79 2.86
CA PHE D 175 -18.72 21.79 1.91
C PHE D 175 -20.16 22.04 1.50
N LYS D 176 -20.96 22.60 2.39
CA LYS D 176 -22.36 22.82 2.08
C LYS D 176 -22.55 23.94 1.05
N ASP D 177 -21.59 24.87 1.03
CA ASP D 177 -21.65 26.00 0.12
C ASP D 177 -21.06 25.59 -1.23
N ARG D 178 -19.99 24.81 -1.15
CA ARG D 178 -19.22 24.43 -2.32
C ARG D 178 -19.94 23.40 -3.19
N PHE D 179 -20.54 22.40 -2.55
CA PHE D 179 -21.22 21.36 -3.30
C PHE D 179 -22.65 21.17 -2.88
N SER D 180 -23.34 20.29 -3.61
CA SER D 180 -24.60 19.74 -3.19
C SER D 180 -24.30 18.58 -2.24
N VAL D 181 -24.88 18.62 -1.05
CA VAL D 181 -24.70 17.56 -0.06
C VAL D 181 -26.06 16.99 0.31
N VAL D 182 -26.27 15.72 -0.02
CA VAL D 182 -27.56 15.07 0.18
C VAL D 182 -27.37 13.66 0.70
N GLN D 183 -28.18 13.27 1.69
CA GLN D 183 -28.12 11.93 2.24
C GLN D 183 -29.17 11.02 1.60
N SER D 184 -28.73 10.09 0.77
CA SER D 184 -29.66 9.25 0.01
C SER D 184 -30.10 7.99 0.73
N ALA D 185 -29.33 7.58 1.73
CA ALA D 185 -29.68 6.42 2.55
C ALA D 185 -29.26 6.65 3.99
N PRO D 186 -29.68 5.78 4.91
CA PRO D 186 -29.22 5.90 6.29
C PRO D 186 -27.69 5.82 6.34
N TYR D 187 -27.11 5.22 5.31
CA TYR D 187 -25.68 4.91 5.29
C TYR D 187 -24.97 5.56 4.09
N PHE D 188 -25.58 6.59 3.51
CA PHE D 188 -25.01 7.28 2.35
C PHE D 188 -25.18 8.77 2.44
N ILE D 189 -24.06 9.49 2.34
CA ILE D 189 -24.16 10.92 2.09
C ILE D 189 -23.40 11.23 0.79
N GLU D 190 -24.16 11.63 -0.22
CA GLU D 190 -23.60 11.94 -1.54
C GLU D 190 -23.16 13.38 -1.65
N VAL D 191 -22.10 13.60 -2.41
CA VAL D 191 -21.60 14.92 -2.69
C VAL D 191 -21.36 15.08 -4.19
N ASN D 193 -21.08 18.08 -7.67
CA ASN D 193 -20.92 19.45 -8.12
C ASN D 193 -22.20 20.23 -7.84
N ARG D 194 -22.05 21.32 -7.10
CA ARG D 194 -23.16 22.15 -6.64
C ARG D 194 -24.25 22.40 -7.70
N ARG D 195 -23.83 22.76 -8.91
CA ARG D 195 -24.75 23.16 -9.98
C ARG D 195 -25.07 22.05 -10.99
N ALA D 196 -25.36 20.86 -10.46
CA ALA D 196 -25.63 19.69 -11.30
C ALA D 196 -26.94 19.05 -10.88
N SER D 197 -27.92 19.02 -11.80
CA SER D 197 -29.24 18.48 -11.48
C SER D 197 -29.82 17.68 -12.64
N LYS D 198 -30.83 16.88 -12.34
CA LYS D 198 -31.54 16.13 -13.37
C LYS D 198 -32.27 17.07 -14.32
N GLY D 199 -32.68 18.23 -13.81
CA GLY D 199 -33.48 19.13 -14.60
C GLY D 199 -32.72 20.27 -15.23
N GLY D 200 -31.47 20.48 -14.78
CA GLY D 200 -30.64 21.53 -15.34
C GLY D 200 -29.70 20.95 -16.38
N THR D 201 -29.77 19.63 -16.52
CA THR D 201 -28.88 18.89 -17.40
C THR D 201 -29.69 18.31 -18.54
N LEU D 202 -30.97 18.06 -18.27
CA LEU D 202 -31.89 17.68 -19.33
C LEU D 202 -31.97 18.85 -20.30
N SER D 203 -32.16 20.04 -19.73
CA SER D 203 -32.08 21.27 -20.50
C SER D 203 -30.81 21.30 -21.36
N GLU D 204 -29.66 21.17 -20.71
CA GLU D 204 -28.37 21.23 -21.40
C GLU D 204 -28.26 20.19 -22.51
N LEU D 205 -28.68 18.96 -22.23
CA LEU D 205 -28.67 17.91 -23.24
C LEU D 205 -29.66 18.24 -24.35
N VAL D 206 -30.87 18.61 -23.96
CA VAL D 206 -31.96 18.89 -24.89
C VAL D 206 -31.57 19.85 -26.01
N ASP D 207 -30.74 20.84 -25.68
CA ASP D 207 -30.25 21.78 -26.69
C ASP D 207 -29.23 21.10 -27.61
N GLN D 208 -28.31 20.37 -27.01
CA GLN D 208 -27.29 19.63 -27.74
C GLN D 208 -27.90 18.71 -28.82
N LEU D 209 -29.22 18.57 -28.80
CA LEU D 209 -29.91 17.76 -29.79
C LEU D 209 -30.86 18.58 -30.69
N GLY D 210 -30.76 19.91 -30.60
CA GLY D 210 -31.60 20.79 -31.39
C GLY D 210 -33.08 20.67 -31.04
N LEU D 211 -33.36 20.37 -29.77
CA LEU D 211 -34.74 20.26 -29.30
C LEU D 211 -35.03 21.38 -28.31
N THR D 212 -36.29 21.48 -27.89
CA THR D 212 -36.71 22.53 -26.96
C THR D 212 -37.71 22.00 -25.93
N ALA D 213 -37.87 22.76 -24.85
CA ALA D 213 -38.80 22.41 -23.79
C ALA D 213 -40.07 21.73 -24.31
N ASP D 214 -40.67 22.33 -25.33
CA ASP D 214 -41.95 21.86 -25.84
C ASP D 214 -41.81 20.54 -26.61
N ASP D 215 -40.58 20.05 -26.71
CA ASP D 215 -40.30 18.80 -27.40
C ASP D 215 -40.25 17.66 -26.40
N VAL D 216 -40.02 17.98 -25.14
CA VAL D 216 -39.71 16.98 -24.11
C VAL D 216 -40.83 16.66 -23.14
N THR D 218 -41.11 14.90 -19.45
CA THR D 218 -40.48 14.31 -18.26
C THR D 218 -41.49 13.50 -17.46
N LEU D 219 -41.00 12.50 -16.74
CA LEU D 219 -41.85 11.69 -15.87
C LEU D 219 -41.39 11.73 -14.42
N GLY D 223 -39.37 13.72 -6.39
CA GLY D 223 -39.00 14.75 -5.43
C GLY D 223 -37.96 15.73 -5.96
N ASN D 224 -36.81 15.21 -6.38
CA ASN D 224 -35.78 16.02 -7.02
C ASN D 224 -36.07 16.25 -8.51
N ASP D 225 -37.13 15.61 -9.00
CA ASP D 225 -37.57 15.73 -10.38
C ASP D 225 -38.26 17.06 -10.61
N LEU D 226 -38.44 17.83 -9.55
CA LEU D 226 -39.12 19.12 -9.67
C LEU D 226 -38.53 19.89 -10.84
N THR D 227 -37.25 20.22 -10.74
CA THR D 227 -36.54 20.92 -11.81
C THR D 227 -36.88 20.36 -13.19
N ILE D 229 -39.71 18.55 -14.12
CA ILE D 229 -41.11 18.78 -14.43
C ILE D 229 -41.36 20.22 -14.88
N LYS D 230 -40.87 21.18 -14.10
CA LYS D 230 -40.99 22.58 -14.45
C LYS D 230 -40.39 22.86 -15.82
N TYR D 231 -39.30 22.15 -16.15
CA TYR D 231 -38.62 22.35 -17.43
C TYR D 231 -39.49 21.95 -18.60
N ALA D 232 -39.92 20.70 -18.60
CA ALA D 232 -40.76 20.18 -19.68
C ALA D 232 -42.00 21.05 -19.88
N GLY D 233 -42.30 21.31 -21.14
CA GLY D 233 -43.58 21.87 -21.52
C GLY D 233 -44.64 20.83 -21.23
N LEU D 234 -44.21 19.57 -21.20
CA LEU D 234 -45.07 18.49 -20.70
C LEU D 234 -44.45 17.78 -19.50
N GLY D 235 -44.49 18.45 -18.33
CA GLY D 235 -44.05 17.83 -17.10
C GLY D 235 -45.17 17.01 -16.47
N VAL D 236 -45.00 15.69 -16.44
CA VAL D 236 -46.02 14.79 -15.93
C VAL D 236 -45.62 14.16 -14.59
N ALA D 237 -46.53 14.21 -13.62
CA ALA D 237 -46.27 13.66 -12.29
C ALA D 237 -46.81 12.24 -12.13
N GLY D 239 -48.46 9.09 -10.15
CA GLY D 239 -49.55 9.03 -9.19
C GLY D 239 -49.05 9.18 -7.76
N ASN D 240 -47.80 8.78 -7.55
CA ASN D 240 -47.20 8.73 -6.23
C ASN D 240 -46.38 9.99 -5.91
N ALA D 241 -46.62 11.05 -6.67
CA ALA D 241 -45.79 12.25 -6.59
C ALA D 241 -45.95 13.04 -5.30
N ILE D 242 -44.87 13.71 -4.89
CA ILE D 242 -44.89 14.62 -3.75
C ILE D 242 -45.75 15.85 -4.07
N ASP D 243 -46.35 16.43 -3.04
CA ASP D 243 -47.27 17.55 -3.23
C ASP D 243 -46.73 18.58 -4.22
N GLU D 244 -45.52 19.08 -3.95
CA GLU D 244 -44.96 20.15 -4.76
C GLU D 244 -44.76 19.71 -6.22
N VAL D 245 -44.24 18.50 -6.41
CA VAL D 245 -44.02 17.96 -7.76
C VAL D 245 -45.34 17.72 -8.47
N LYS D 246 -46.40 17.48 -7.70
CA LYS D 246 -47.73 17.28 -8.27
C LYS D 246 -48.31 18.64 -8.67
N GLU D 247 -47.82 19.69 -8.02
CA GLU D 247 -48.26 21.04 -8.34
C GLU D 247 -47.17 21.76 -9.10
#